data_7CXU
#
_entry.id   7CXU
#
_cell.length_a   50.609
_cell.length_b   87.124
_cell.length_c   146.702
_cell.angle_alpha   90.000
_cell.angle_beta   90.000
_cell.angle_gamma   90.000
#
_symmetry.space_group_name_H-M   'P 2 21 21'
#
loop_
_entity.id
_entity.type
_entity.pdbx_description
1 polymer CmnK
2 non-polymer NICOTINAMIDE-ADENINE-DINUCLEOTIDE
3 water water
#
_entity_poly.entity_id   1
_entity_poly.type   'polypeptide(L)'
_entity_poly.pdbx_seq_one_letter_code
;MGSSHHHHHHSSGLVPRGSHMTPSEELLFLDRETVRACVAGVDPVEVVESVLRSHAAGRTTLPAEGYLPWENDQGAYCRS
IAMLGAVDGERGPTYGIKLINAAVSNPSIGLDRAGGCGFLFDPRTARPVVLAEAAYLSGLRTAAYTMASLRHLGPVGFDA
VSFIGTGAQARVHAALLARYFPAVRDLHVFDTERSRAEAFTGASGHTVHVHDTAEAAVRASHVLVTLTTVDDGYIPHDWF
RPGSFVAHVSLDDLLPEVFFKSEALFVDDLELIRENPRRVLGALLADGDVPVTGSLGGVLTGAVAPVRPRDGVVVSNPFG
MAVLDVGLLAEVAAHARSAGLGTTLDLLGAAR
;
_entity_poly.pdbx_strand_id   A,B
#
loop_
_chem_comp.id
_chem_comp.type
_chem_comp.name
_chem_comp.formula
NAD non-polymer NICOTINAMIDE-ADENINE-DINUCLEOTIDE 'C21 H27 N7 O14 P2'
#
# COMPACT_ATOMS: atom_id res chain seq x y z
N SER A 24 26.43 -16.42 -41.96
CA SER A 24 25.76 -15.10 -41.72
C SER A 24 25.01 -15.13 -40.37
N GLU A 25 24.88 -13.97 -39.73
CA GLU A 25 24.24 -13.78 -38.40
C GLU A 25 23.26 -12.61 -38.53
N GLU A 26 21.96 -12.90 -38.48
CA GLU A 26 20.88 -11.92 -38.76
C GLU A 26 19.88 -11.87 -37.59
N LEU A 27 19.41 -10.66 -37.26
CA LEU A 27 18.29 -10.40 -36.32
C LEU A 27 17.09 -9.88 -37.12
N LEU A 28 15.90 -10.41 -36.87
CA LEU A 28 14.61 -9.78 -37.25
C LEU A 28 14.25 -8.76 -36.16
N PHE A 29 14.46 -7.48 -36.44
CA PHE A 29 14.19 -6.34 -35.52
C PHE A 29 12.75 -5.85 -35.74
N LEU A 30 11.91 -5.97 -34.71
CA LEU A 30 10.49 -5.52 -34.73
C LEU A 30 10.33 -4.31 -33.82
N ASP A 31 10.11 -3.12 -34.39
CA ASP A 31 9.83 -1.87 -33.61
C ASP A 31 8.42 -1.94 -33.02
N ARG A 32 8.07 -0.99 -32.15
CA ARG A 32 6.79 -1.02 -31.39
C ARG A 32 5.61 -1.05 -32.36
N GLU A 33 5.64 -0.21 -33.40
CA GLU A 33 4.53 -0.08 -34.39
C GLU A 33 4.38 -1.39 -35.17
N THR A 34 5.48 -2.08 -35.50
CA THR A 34 5.43 -3.42 -36.14
C THR A 34 4.75 -4.41 -35.18
N VAL A 35 5.12 -4.39 -33.88
CA VAL A 35 4.60 -5.33 -32.85
C VAL A 35 3.09 -5.11 -32.67
N ARG A 36 2.65 -3.85 -32.65
CA ARG A 36 1.22 -3.44 -32.67
C ARG A 36 0.47 -4.15 -33.82
N ALA A 37 0.95 -3.96 -35.05
CA ALA A 37 0.32 -4.48 -36.29
C ALA A 37 0.25 -6.01 -36.24
N CYS A 38 1.26 -6.67 -35.68
CA CYS A 38 1.30 -8.15 -35.53
C CYS A 38 0.26 -8.62 -34.51
N VAL A 39 0.12 -7.90 -33.39
CA VAL A 39 -0.86 -8.22 -32.30
C VAL A 39 -2.28 -8.14 -32.87
N ALA A 40 -2.57 -7.07 -33.63
CA ALA A 40 -3.87 -6.83 -34.31
C ALA A 40 -4.21 -8.00 -35.24
N GLY A 41 -3.19 -8.66 -35.80
CA GLY A 41 -3.35 -9.76 -36.78
C GLY A 41 -3.32 -11.14 -36.15
N VAL A 42 -3.14 -11.27 -34.84
CA VAL A 42 -3.19 -12.59 -34.13
C VAL A 42 -4.26 -12.53 -33.04
N ASP A 43 -4.48 -13.65 -32.35
CA ASP A 43 -5.36 -13.77 -31.16
C ASP A 43 -4.48 -13.84 -29.91
N PRO A 44 -4.14 -12.69 -29.29
CA PRO A 44 -3.27 -12.68 -28.11
C PRO A 44 -3.87 -13.41 -26.90
N VAL A 45 -5.20 -13.46 -26.79
CA VAL A 45 -5.91 -14.14 -25.67
C VAL A 45 -5.76 -15.66 -25.82
N GLU A 46 -5.92 -16.19 -27.04
CA GLU A 46 -5.72 -17.62 -27.38
C GLU A 46 -4.29 -18.04 -26.99
N VAL A 47 -3.30 -17.23 -27.34
CA VAL A 47 -1.85 -17.46 -27.02
C VAL A 47 -1.66 -17.52 -25.49
N VAL A 48 -2.18 -16.54 -24.75
CA VAL A 48 -2.10 -16.52 -23.26
C VAL A 48 -2.70 -17.83 -22.72
N GLU A 49 -3.88 -18.24 -23.22
CA GLU A 49 -4.57 -19.46 -22.74
C GLU A 49 -3.69 -20.70 -22.99
N SER A 50 -3.04 -20.79 -24.17
CA SER A 50 -2.19 -21.92 -24.60
C SER A 50 -0.95 -22.02 -23.68
N VAL A 51 -0.28 -20.92 -23.40
CA VAL A 51 0.95 -20.88 -22.55
C VAL A 51 0.57 -21.22 -21.10
N LEU A 52 -0.58 -20.74 -20.61
CA LEU A 52 -1.08 -21.02 -19.24
C LEU A 52 -1.32 -22.52 -19.08
N ARG A 53 -1.86 -23.19 -20.10
CA ARG A 53 -2.12 -24.66 -20.08
C ARG A 53 -0.78 -25.40 -20.10
N SER A 54 0.20 -24.94 -20.89
CA SER A 54 1.58 -25.48 -20.90
C SER A 54 2.21 -25.34 -19.51
N HIS A 55 2.11 -24.15 -18.92
CA HIS A 55 2.67 -23.80 -17.58
C HIS A 55 2.07 -24.72 -16.51
N ALA A 56 0.75 -24.91 -16.53
CA ALA A 56 -0.01 -25.76 -15.59
C ALA A 56 0.41 -27.24 -15.70
N ALA A 57 0.86 -27.70 -16.87
CA ALA A 57 1.28 -29.10 -17.12
C ALA A 57 2.79 -29.28 -16.90
N GLY A 58 3.47 -28.26 -16.37
CA GLY A 58 4.92 -28.28 -16.07
C GLY A 58 5.78 -28.19 -17.32
N ARG A 59 5.24 -27.62 -18.40
CA ARG A 59 5.93 -27.52 -19.73
C ARG A 59 6.43 -26.09 -19.95
N THR A 60 6.86 -25.39 -18.90
CA THR A 60 7.60 -24.09 -18.99
C THR A 60 8.82 -24.13 -18.05
N THR A 61 9.90 -23.44 -18.44
CA THR A 61 11.11 -23.18 -17.61
C THR A 61 11.18 -21.68 -17.35
N LEU A 62 11.22 -21.29 -16.07
CA LEU A 62 11.36 -19.88 -15.60
C LEU A 62 12.53 -19.82 -14.63
N PRO A 63 13.78 -19.64 -15.10
CA PRO A 63 14.94 -19.58 -14.22
C PRO A 63 14.95 -18.31 -13.36
N ALA A 64 15.85 -18.25 -12.39
CA ALA A 64 16.12 -17.05 -11.55
C ALA A 64 16.41 -15.86 -12.48
N GLU A 65 15.77 -14.72 -12.23
CA GLU A 65 15.92 -13.48 -13.03
C GLU A 65 17.25 -12.80 -12.69
N GLY A 66 17.91 -12.23 -13.70
CA GLY A 66 18.99 -11.22 -13.51
C GLY A 66 18.41 -9.93 -12.96
N TYR A 67 19.00 -9.38 -11.91
CA TYR A 67 18.54 -8.14 -11.23
C TYR A 67 19.76 -7.24 -10.98
N LEU A 68 19.73 -6.04 -11.54
CA LEU A 68 20.82 -5.02 -11.48
C LEU A 68 20.24 -3.71 -10.96
N PRO A 69 20.17 -3.50 -9.62
CA PRO A 69 19.74 -2.21 -9.07
C PRO A 69 20.87 -1.18 -9.08
N TRP A 70 20.53 0.12 -9.09
CA TRP A 70 21.48 1.23 -8.87
C TRP A 70 20.72 2.52 -8.54
N GLU A 71 21.45 3.60 -8.24
CA GLU A 71 20.91 4.96 -8.01
C GLU A 71 21.52 5.92 -9.03
N ASN A 72 20.68 6.64 -9.78
CA ASN A 72 21.12 7.62 -10.82
C ASN A 72 21.59 8.91 -10.12
N ASP A 73 22.10 9.87 -10.91
CA ASP A 73 22.69 11.16 -10.43
C ASP A 73 21.65 11.95 -9.62
N GLN A 74 20.36 11.77 -9.91
CA GLN A 74 19.22 12.41 -9.19
C GLN A 74 19.19 11.92 -7.74
N GLY A 75 19.33 10.59 -7.55
CA GLY A 75 19.14 9.88 -6.28
C GLY A 75 17.90 8.98 -6.31
N ALA A 76 17.53 8.47 -7.50
CA ALA A 76 16.30 7.69 -7.75
C ALA A 76 16.64 6.22 -7.99
N TYR A 77 15.68 5.33 -7.71
CA TYR A 77 15.79 3.86 -7.87
C TYR A 77 15.74 3.49 -9.36
N CYS A 78 16.84 2.92 -9.87
CA CYS A 78 16.98 2.39 -11.26
C CYS A 78 17.30 0.89 -11.20
N ARG A 79 16.88 0.14 -12.22
CA ARG A 79 17.10 -1.33 -12.28
C ARG A 79 17.06 -1.83 -13.72
N SER A 80 17.70 -2.98 -13.97
CA SER A 80 17.48 -3.86 -15.13
C SER A 80 17.03 -5.25 -14.62
N ILE A 81 15.93 -5.79 -15.17
CA ILE A 81 15.45 -7.17 -14.87
C ILE A 81 15.51 -8.00 -16.15
N ALA A 82 16.26 -9.11 -16.13
CA ALA A 82 16.49 -10.02 -17.27
C ALA A 82 15.74 -11.34 -17.01
N MET A 83 14.62 -11.56 -17.70
CA MET A 83 13.66 -12.66 -17.45
C MET A 83 13.74 -13.67 -18.60
N LEU A 84 14.56 -14.72 -18.43
CA LEU A 84 14.66 -15.87 -19.37
C LEU A 84 13.38 -16.72 -19.26
N GLY A 85 12.97 -17.34 -20.36
CA GLY A 85 11.73 -18.14 -20.43
C GLY A 85 11.75 -19.16 -21.56
N ALA A 86 11.22 -20.35 -21.30
CA ALA A 86 10.99 -21.43 -22.28
C ALA A 86 9.56 -21.95 -22.13
N VAL A 87 8.91 -22.26 -23.25
CA VAL A 87 7.54 -22.85 -23.35
C VAL A 87 7.64 -24.06 -24.29
N ASP A 88 7.52 -25.28 -23.73
CA ASP A 88 7.40 -26.55 -24.50
C ASP A 88 5.93 -26.69 -24.90
N GLY A 89 5.49 -25.88 -25.87
CA GLY A 89 4.07 -25.58 -26.12
C GLY A 89 3.40 -26.59 -27.01
N GLU A 90 2.06 -26.52 -27.09
CA GLU A 90 1.18 -27.38 -27.92
C GLU A 90 1.71 -27.38 -29.36
N ARG A 91 1.97 -26.18 -29.89
CA ARG A 91 2.47 -25.92 -31.27
C ARG A 91 3.87 -26.52 -31.45
N GLY A 92 4.78 -26.28 -30.49
CA GLY A 92 6.22 -26.57 -30.58
C GLY A 92 7.03 -25.68 -29.65
N PRO A 93 8.34 -25.95 -29.44
CA PRO A 93 9.12 -25.27 -28.40
C PRO A 93 9.54 -23.83 -28.74
N THR A 94 9.49 -22.95 -27.74
CA THR A 94 9.91 -21.52 -27.83
C THR A 94 10.86 -21.19 -26.68
N TYR A 95 11.92 -20.43 -26.98
CA TYR A 95 12.96 -19.98 -26.01
C TYR A 95 13.22 -18.48 -26.25
N GLY A 96 13.33 -17.69 -25.18
CA GLY A 96 13.58 -16.25 -25.28
C GLY A 96 13.86 -15.59 -23.94
N ILE A 97 13.88 -14.26 -23.95
CA ILE A 97 14.23 -13.41 -22.77
C ILE A 97 13.43 -12.10 -22.88
N LYS A 98 12.99 -11.58 -21.75
CA LYS A 98 12.31 -10.27 -21.62
C LYS A 98 13.20 -9.39 -20.73
N LEU A 99 13.70 -8.28 -21.28
CA LEU A 99 14.60 -7.32 -20.57
C LEU A 99 13.82 -6.02 -20.34
N ILE A 100 13.34 -5.79 -19.12
CA ILE A 100 12.59 -4.56 -18.70
C ILE A 100 13.48 -3.76 -17.75
N ASN A 101 13.81 -2.51 -18.12
CA ASN A 101 14.57 -1.56 -17.29
C ASN A 101 13.64 -0.41 -16.91
N ALA A 102 13.75 0.09 -15.67
CA ALA A 102 12.89 1.17 -15.10
C ALA A 102 13.74 2.14 -14.28
N ALA A 103 13.36 3.42 -14.29
CA ALA A 103 13.86 4.48 -13.38
C ALA A 103 12.66 5.27 -12.83
N VAL A 104 12.55 5.38 -11.51
CA VAL A 104 11.38 5.99 -10.82
C VAL A 104 11.29 7.47 -11.20
N SER A 105 12.42 8.09 -11.58
CA SER A 105 12.53 9.52 -11.94
C SER A 105 12.12 9.79 -13.40
N ASN A 106 11.82 8.75 -14.19
CA ASN A 106 11.54 8.89 -15.65
C ASN A 106 10.31 9.76 -15.87
N PRO A 107 9.15 9.50 -15.20
CA PRO A 107 7.96 10.34 -15.39
C PRO A 107 8.17 11.83 -15.07
N SER A 108 9.11 12.17 -14.18
CA SER A 108 9.50 13.58 -13.84
C SER A 108 10.04 14.30 -15.07
N ILE A 109 10.66 13.57 -16.01
CA ILE A 109 11.33 14.13 -17.23
C ILE A 109 10.55 13.73 -18.50
N GLY A 110 9.33 13.19 -18.34
CA GLY A 110 8.35 13.02 -19.43
C GLY A 110 8.46 11.68 -20.16
N LEU A 111 9.09 10.67 -19.55
CA LEU A 111 9.23 9.31 -20.12
C LEU A 111 8.35 8.32 -19.36
N ASP A 112 7.92 7.23 -20.02
CA ASP A 112 7.29 6.06 -19.36
C ASP A 112 8.30 5.47 -18.37
N ARG A 113 7.81 4.99 -17.22
CA ARG A 113 8.65 4.46 -16.11
C ARG A 113 9.61 3.40 -16.68
N ALA A 114 9.06 2.40 -17.38
CA ALA A 114 9.79 1.22 -17.88
C ALA A 114 9.91 1.27 -19.41
N GLY A 115 11.00 0.68 -19.92
CA GLY A 115 11.23 0.35 -21.34
C GLY A 115 12.02 -0.93 -21.45
N GLY A 116 12.29 -1.42 -22.67
CA GLY A 116 13.18 -2.57 -22.87
C GLY A 116 12.85 -3.39 -24.11
N CYS A 117 13.40 -4.60 -24.17
CA CYS A 117 13.50 -5.42 -25.40
C CYS A 117 13.31 -6.91 -25.07
N GLY A 118 12.85 -7.68 -26.05
CA GLY A 118 12.75 -9.15 -25.98
C GLY A 118 13.46 -9.80 -27.15
N PHE A 119 14.08 -10.96 -26.92
CA PHE A 119 14.66 -11.83 -27.97
C PHE A 119 13.93 -13.18 -27.99
N LEU A 120 13.87 -13.80 -29.17
CA LEU A 120 13.60 -15.25 -29.33
C LEU A 120 14.90 -15.92 -29.80
N PHE A 121 15.13 -17.15 -29.34
CA PHE A 121 16.33 -17.95 -29.64
C PHE A 121 15.93 -19.09 -30.60
N ASP A 122 16.82 -19.43 -31.53
CA ASP A 122 16.64 -20.57 -32.47
C ASP A 122 16.81 -21.87 -31.69
N PRO A 123 15.80 -22.77 -31.65
CA PRO A 123 15.88 -24.00 -30.87
C PRO A 123 17.06 -24.93 -31.17
N ARG A 124 17.70 -24.78 -32.34
CA ARG A 124 18.82 -25.65 -32.80
C ARG A 124 20.17 -25.00 -32.48
N THR A 125 20.36 -23.73 -32.85
CA THR A 125 21.65 -22.98 -32.79
C THR A 125 21.77 -22.20 -31.47
N ALA A 126 20.64 -21.94 -30.80
CA ALA A 126 20.53 -21.11 -29.58
C ALA A 126 20.70 -19.62 -29.91
N ARG A 127 20.84 -19.25 -31.19
CA ARG A 127 21.16 -17.87 -31.63
C ARG A 127 19.96 -16.95 -31.39
N PRO A 128 20.17 -15.71 -30.89
CA PRO A 128 19.11 -14.70 -30.88
C PRO A 128 18.76 -14.30 -32.32
N VAL A 129 17.56 -14.65 -32.77
CA VAL A 129 17.08 -14.47 -34.18
C VAL A 129 16.03 -13.34 -34.26
N VAL A 130 15.39 -12.98 -33.15
CA VAL A 130 14.33 -11.92 -33.10
C VAL A 130 14.67 -10.93 -31.98
N LEU A 131 14.56 -9.63 -32.27
CA LEU A 131 14.67 -8.50 -31.30
C LEU A 131 13.43 -7.62 -31.44
N ALA A 132 12.65 -7.47 -30.36
CA ALA A 132 11.42 -6.67 -30.32
C ALA A 132 11.49 -5.65 -29.19
N GLU A 133 11.01 -4.42 -29.44
CA GLU A 133 10.62 -3.48 -28.36
C GLU A 133 9.57 -4.20 -27.51
N ALA A 134 9.63 -4.09 -26.18
CA ALA A 134 8.98 -5.03 -25.24
C ALA A 134 7.95 -4.35 -24.32
N ALA A 135 8.03 -3.03 -24.11
CA ALA A 135 7.19 -2.31 -23.12
C ALA A 135 5.73 -2.38 -23.56
N TYR A 136 5.43 -2.09 -24.84
CA TYR A 136 4.06 -2.22 -25.39
C TYR A 136 3.56 -3.66 -25.21
N LEU A 137 4.34 -4.64 -25.67
CA LEU A 137 3.94 -6.08 -25.64
C LEU A 137 3.64 -6.49 -24.20
N SER A 138 4.43 -6.02 -23.23
CA SER A 138 4.25 -6.26 -21.77
C SER A 138 2.86 -5.81 -21.33
N GLY A 139 2.45 -4.58 -21.68
CA GLY A 139 1.10 -4.04 -21.39
C GLY A 139 0.01 -4.86 -22.06
N LEU A 140 0.22 -5.23 -23.32
CA LEU A 140 -0.71 -6.09 -24.12
C LEU A 140 -0.89 -7.44 -23.41
N ARG A 141 0.19 -8.07 -22.95
CA ARG A 141 0.13 -9.37 -22.22
C ARG A 141 -0.78 -9.22 -20.98
N THR A 142 -0.55 -8.20 -20.17
CA THR A 142 -1.35 -7.91 -18.95
C THR A 142 -2.84 -7.84 -19.32
N ALA A 143 -3.18 -7.05 -20.36
CA ALA A 143 -4.55 -6.88 -20.87
C ALA A 143 -5.09 -8.22 -21.37
N ALA A 144 -4.30 -8.96 -22.15
CA ALA A 144 -4.68 -10.29 -22.70
C ALA A 144 -5.08 -11.22 -21.54
N TYR A 145 -4.28 -11.25 -20.46
CA TYR A 145 -4.55 -12.12 -19.28
C TYR A 145 -5.88 -11.74 -18.63
N THR A 146 -6.16 -10.44 -18.50
CA THR A 146 -7.44 -9.90 -17.96
C THR A 146 -8.62 -10.46 -18.74
N MET A 147 -8.56 -10.41 -20.08
CA MET A 147 -9.62 -10.91 -20.98
C MET A 147 -9.80 -12.40 -20.76
N ALA A 148 -8.70 -13.17 -20.67
CA ALA A 148 -8.75 -14.62 -20.40
C ALA A 148 -9.47 -14.85 -19.06
N SER A 149 -9.06 -14.13 -18.00
CA SER A 149 -9.64 -14.26 -16.64
C SER A 149 -11.17 -14.01 -16.71
N LEU A 150 -11.59 -12.96 -17.42
CA LEU A 150 -13.02 -12.56 -17.54
C LEU A 150 -13.82 -13.65 -18.26
N ARG A 151 -13.29 -14.17 -19.36
CA ARG A 151 -13.94 -15.22 -20.19
C ARG A 151 -14.36 -16.40 -19.31
N HIS A 152 -13.50 -16.85 -18.40
CA HIS A 152 -13.65 -18.13 -17.66
C HIS A 152 -14.11 -17.93 -16.21
N LEU A 153 -13.94 -16.74 -15.62
CA LEU A 153 -14.19 -16.51 -14.16
C LEU A 153 -15.07 -15.29 -13.91
N GLY A 154 -15.38 -14.49 -14.95
CA GLY A 154 -16.19 -13.27 -14.83
C GLY A 154 -17.68 -13.59 -14.85
N PRO A 155 -18.56 -12.57 -14.67
CA PRO A 155 -19.97 -12.73 -14.95
C PRO A 155 -20.11 -13.01 -16.45
N VAL A 156 -21.22 -13.62 -16.86
CA VAL A 156 -21.54 -13.89 -18.30
C VAL A 156 -22.42 -12.75 -18.80
N GLY A 157 -21.99 -12.08 -19.88
CA GLY A 157 -22.77 -11.04 -20.58
C GLY A 157 -22.73 -9.67 -19.93
N PHE A 158 -21.75 -9.39 -19.07
CA PHE A 158 -21.54 -8.05 -18.46
C PHE A 158 -21.42 -7.00 -19.57
N ASP A 159 -22.05 -5.83 -19.41
CA ASP A 159 -22.13 -4.77 -20.45
C ASP A 159 -21.40 -3.49 -20.01
N ALA A 160 -20.70 -3.52 -18.87
CA ALA A 160 -20.02 -2.36 -18.28
C ALA A 160 -18.73 -2.82 -17.57
N VAL A 161 -17.66 -2.03 -17.68
CA VAL A 161 -16.38 -2.26 -16.95
C VAL A 161 -15.95 -0.94 -16.28
N SER A 162 -15.45 -1.04 -15.04
CA SER A 162 -14.93 0.10 -14.25
C SER A 162 -13.39 0.05 -14.25
N PHE A 163 -12.75 1.21 -14.46
CA PHE A 163 -11.28 1.39 -14.34
C PHE A 163 -10.99 2.37 -13.21
N ILE A 164 -9.97 2.06 -12.41
CA ILE A 164 -9.29 3.07 -11.53
C ILE A 164 -7.86 3.23 -12.05
N GLY A 165 -7.56 4.40 -12.62
CA GLY A 165 -6.34 4.69 -13.40
C GLY A 165 -6.64 4.63 -14.89
N THR A 166 -6.27 5.66 -15.65
CA THR A 166 -6.75 5.89 -17.05
C THR A 166 -5.59 6.25 -17.98
N GLY A 167 -4.40 5.67 -17.76
CA GLY A 167 -3.22 5.85 -18.63
C GLY A 167 -3.13 4.78 -19.71
N ALA A 168 -1.90 4.48 -20.15
CA ALA A 168 -1.58 3.51 -21.22
C ALA A 168 -2.32 2.18 -21.00
N GLN A 169 -2.26 1.64 -19.78
CA GLN A 169 -2.84 0.31 -19.45
C GLN A 169 -4.37 0.33 -19.61
N ALA A 170 -5.04 1.46 -19.35
CA ALA A 170 -6.50 1.60 -19.53
C ALA A 170 -6.83 1.59 -21.03
N ARG A 171 -5.99 2.22 -21.86
CA ARG A 171 -6.23 2.31 -23.32
C ARG A 171 -6.14 0.91 -23.92
N VAL A 172 -5.12 0.12 -23.57
CA VAL A 172 -4.93 -1.24 -24.15
C VAL A 172 -6.03 -2.18 -23.62
N HIS A 173 -6.48 -2.02 -22.36
CA HIS A 173 -7.61 -2.80 -21.80
C HIS A 173 -8.90 -2.50 -22.61
N ALA A 174 -9.20 -1.22 -22.90
CA ALA A 174 -10.38 -0.78 -23.68
C ALA A 174 -10.36 -1.39 -25.09
N ALA A 175 -9.19 -1.39 -25.74
CA ALA A 175 -8.99 -1.96 -27.09
C ALA A 175 -9.34 -3.45 -27.07
N LEU A 176 -8.84 -4.22 -26.09
CA LEU A 176 -9.09 -5.68 -26.01
C LEU A 176 -10.56 -5.95 -25.61
N LEU A 177 -11.22 -5.04 -24.89
CA LEU A 177 -12.67 -5.15 -24.56
C LEU A 177 -13.50 -5.11 -25.86
N ALA A 178 -13.15 -4.25 -26.82
CA ALA A 178 -13.83 -4.14 -28.13
C ALA A 178 -13.63 -5.42 -28.94
N ARG A 179 -12.47 -6.06 -28.84
CA ARG A 179 -12.16 -7.31 -29.57
C ARG A 179 -12.96 -8.48 -29.00
N TYR A 180 -12.93 -8.67 -27.68
CA TYR A 180 -13.30 -9.95 -27.01
C TYR A 180 -14.64 -9.86 -26.25
N PHE A 181 -15.13 -8.67 -25.89
CA PHE A 181 -16.38 -8.48 -25.11
C PHE A 181 -17.21 -7.33 -25.70
N PRO A 182 -17.82 -7.52 -26.89
CA PRO A 182 -18.58 -6.46 -27.56
C PRO A 182 -19.85 -5.98 -26.82
N ALA A 183 -20.40 -6.80 -25.91
CA ALA A 183 -21.54 -6.43 -25.04
C ALA A 183 -21.16 -5.22 -24.19
N VAL A 184 -19.88 -5.06 -23.85
CA VAL A 184 -19.37 -3.92 -23.03
C VAL A 184 -19.52 -2.63 -23.87
N ARG A 185 -20.46 -1.77 -23.47
CA ARG A 185 -20.76 -0.46 -24.12
C ARG A 185 -20.34 0.72 -23.23
N ASP A 186 -20.25 0.52 -21.91
CA ASP A 186 -20.01 1.61 -20.93
C ASP A 186 -18.75 1.33 -20.10
N LEU A 187 -17.86 2.34 -20.01
CA LEU A 187 -16.65 2.33 -19.15
C LEU A 187 -16.86 3.36 -18.04
N HIS A 188 -16.73 2.95 -16.77
CA HIS A 188 -16.87 3.82 -15.57
C HIS A 188 -15.48 4.03 -14.95
N VAL A 189 -14.92 5.23 -15.08
CA VAL A 189 -13.48 5.49 -14.75
C VAL A 189 -13.39 6.49 -13.59
N PHE A 190 -12.33 6.34 -12.79
CA PHE A 190 -11.86 7.35 -11.80
C PHE A 190 -10.33 7.37 -11.84
N ASP A 191 -9.75 8.56 -11.72
CA ASP A 191 -8.29 8.77 -11.64
C ASP A 191 -8.03 9.89 -10.62
N THR A 192 -7.08 9.65 -9.71
CA THR A 192 -6.61 10.65 -8.70
C THR A 192 -6.04 11.86 -9.45
N GLU A 193 -5.59 11.69 -10.70
CA GLU A 193 -5.32 12.78 -11.66
C GLU A 193 -6.58 13.02 -12.50
N ARG A 194 -7.41 13.97 -12.07
CA ARG A 194 -8.73 14.31 -12.69
C ARG A 194 -8.56 14.50 -14.21
N SER A 195 -7.58 15.30 -14.63
CA SER A 195 -7.39 15.71 -16.05
C SER A 195 -7.13 14.47 -16.93
N ARG A 196 -6.45 13.45 -16.39
CA ARG A 196 -6.17 12.18 -17.13
C ARG A 196 -7.49 11.42 -17.36
N ALA A 197 -8.39 11.42 -16.38
CA ALA A 197 -9.72 10.77 -16.45
C ALA A 197 -10.58 11.43 -17.54
N GLU A 198 -10.62 12.76 -17.56
CA GLU A 198 -11.49 13.56 -18.46
C GLU A 198 -11.01 13.45 -19.91
N ALA A 199 -9.75 13.06 -20.13
CA ALA A 199 -9.13 12.89 -21.46
C ALA A 199 -9.33 11.48 -22.01
N PHE A 200 -9.68 10.49 -21.17
CA PHE A 200 -9.79 9.06 -21.56
C PHE A 200 -11.04 8.83 -22.42
N THR A 201 -10.88 8.19 -23.58
CA THR A 201 -11.93 8.02 -24.62
C THR A 201 -12.37 6.56 -24.76
N GLY A 202 -11.47 5.59 -24.59
CA GLY A 202 -11.76 4.16 -24.82
C GLY A 202 -11.55 3.78 -26.28
N ALA A 203 -12.31 2.80 -26.79
CA ALA A 203 -12.07 2.14 -28.10
C ALA A 203 -13.40 1.69 -28.74
N GLY A 205 -16.61 0.81 -29.55
CA GLY A 205 -17.83 1.60 -29.31
C GLY A 205 -18.16 1.69 -27.83
N HIS A 206 -17.39 2.51 -27.08
CA HIS A 206 -17.51 2.70 -25.61
C HIS A 206 -17.95 4.13 -25.30
N THR A 207 -18.91 4.29 -24.38
CA THR A 207 -19.22 5.56 -23.70
C THR A 207 -18.45 5.60 -22.37
N VAL A 208 -17.73 6.69 -22.10
CA VAL A 208 -16.90 6.88 -20.87
C VAL A 208 -17.70 7.72 -19.88
N HIS A 209 -17.87 7.24 -18.64
CA HIS A 209 -18.49 7.97 -17.51
C HIS A 209 -17.39 8.27 -16.47
N VAL A 210 -17.04 9.56 -16.30
CA VAL A 210 -16.06 10.04 -15.28
C VAL A 210 -16.77 10.09 -13.92
N HIS A 211 -16.18 9.48 -12.88
CA HIS A 211 -16.71 9.50 -11.49
C HIS A 211 -15.78 10.35 -10.61
N ASP A 212 -16.34 10.98 -9.58
CA ASP A 212 -15.63 11.94 -8.68
C ASP A 212 -14.84 11.16 -7.63
N THR A 213 -15.22 9.92 -7.36
CA THR A 213 -14.64 9.06 -6.30
C THR A 213 -14.41 7.64 -6.84
N ALA A 214 -13.42 6.93 -6.30
CA ALA A 214 -13.13 5.52 -6.65
C ALA A 214 -14.36 4.67 -6.35
N GLU A 215 -15.02 4.93 -5.22
CA GLU A 215 -16.17 4.14 -4.73
C GLU A 215 -17.27 4.13 -5.80
N ALA A 216 -17.65 5.31 -6.30
CA ALA A 216 -18.73 5.51 -7.30
C ALA A 216 -18.40 4.73 -8.59
N ALA A 217 -17.13 4.73 -9.02
CA ALA A 217 -16.64 3.93 -10.17
C ALA A 217 -16.83 2.44 -9.90
N VAL A 218 -16.46 1.96 -8.71
CA VAL A 218 -16.54 0.51 -8.39
C VAL A 218 -18.02 0.09 -8.39
N ARG A 219 -18.90 0.89 -7.76
CA ARG A 219 -20.34 0.54 -7.56
C ARG A 219 -21.08 0.52 -8.90
N ALA A 220 -20.59 1.22 -9.93
CA ALA A 220 -21.29 1.46 -11.21
C ALA A 220 -21.34 0.20 -12.09
N SER A 221 -20.59 -0.86 -11.76
CA SER A 221 -20.51 -2.09 -12.61
C SER A 221 -20.21 -3.33 -11.79
N HIS A 222 -20.16 -4.48 -12.48
CA HIS A 222 -19.88 -5.82 -11.90
C HIS A 222 -18.42 -6.21 -12.15
N VAL A 223 -17.63 -5.36 -12.81
CA VAL A 223 -16.25 -5.71 -13.29
C VAL A 223 -15.33 -4.52 -13.04
N LEU A 224 -14.35 -4.68 -12.16
CA LEU A 224 -13.31 -3.66 -11.85
C LEU A 224 -11.94 -4.14 -12.35
N VAL A 225 -11.17 -3.23 -12.93
CA VAL A 225 -9.72 -3.40 -13.23
C VAL A 225 -9.00 -2.22 -12.56
N THR A 226 -8.10 -2.51 -11.61
CA THR A 226 -7.28 -1.49 -10.90
C THR A 226 -5.95 -1.33 -11.65
N LEU A 227 -5.63 -0.10 -12.06
CA LEU A 227 -4.46 0.22 -12.92
C LEU A 227 -3.72 1.43 -12.35
N THR A 228 -3.49 1.46 -11.04
CA THR A 228 -2.81 2.56 -10.31
C THR A 228 -1.34 2.21 -10.06
N THR A 229 -0.59 3.14 -9.47
CA THR A 229 0.80 2.94 -8.98
C THR A 229 0.83 3.23 -7.47
N VAL A 230 -0.20 2.75 -6.76
CA VAL A 230 -0.45 3.00 -5.31
C VAL A 230 0.32 1.96 -4.49
N ASP A 231 0.78 2.35 -3.29
CA ASP A 231 1.41 1.44 -2.28
C ASP A 231 0.38 1.11 -1.18
N ASP A 232 -0.53 2.04 -0.88
CA ASP A 232 -1.49 1.95 0.27
C ASP A 232 -2.88 1.49 -0.21
N GLY A 233 -3.35 0.37 0.35
CA GLY A 233 -4.69 -0.20 0.09
C GLY A 233 -5.81 0.74 0.52
N TYR A 234 -6.95 0.70 -0.19
CA TYR A 234 -8.09 1.62 0.04
C TYR A 234 -9.45 1.01 -0.37
N ILE A 235 -9.52 -0.14 -1.04
CA ILE A 235 -10.81 -0.72 -1.57
C ILE A 235 -11.33 -1.78 -0.59
N PRO A 236 -12.44 -1.51 0.14
CA PRO A 236 -13.02 -2.48 1.06
C PRO A 236 -13.99 -3.44 0.33
N HIS A 237 -14.38 -4.51 1.00
CA HIS A 237 -15.31 -5.55 0.47
C HIS A 237 -16.67 -4.91 0.13
N ASP A 238 -17.11 -3.95 0.94
CA ASP A 238 -18.49 -3.39 0.91
C ASP A 238 -18.78 -2.71 -0.44
N TRP A 239 -17.76 -2.21 -1.15
CA TRP A 239 -17.94 -1.42 -2.41
C TRP A 239 -18.50 -2.32 -3.53
N PHE A 240 -18.22 -3.62 -3.47
CA PHE A 240 -18.50 -4.59 -4.55
C PHE A 240 -19.97 -5.06 -4.48
N ARG A 241 -20.61 -5.19 -5.65
CA ARG A 241 -21.97 -5.75 -5.78
C ARG A 241 -21.90 -7.25 -5.47
N PRO A 242 -23.01 -7.88 -5.02
CA PRO A 242 -23.14 -9.33 -5.15
C PRO A 242 -22.93 -9.64 -6.64
N GLY A 243 -22.24 -10.74 -6.95
CA GLY A 243 -21.97 -11.17 -8.34
C GLY A 243 -20.96 -10.28 -9.04
N SER A 244 -19.85 -9.95 -8.37
CA SER A 244 -18.80 -9.01 -8.82
C SER A 244 -17.49 -9.75 -9.15
N PHE A 245 -16.63 -9.08 -9.91
CA PHE A 245 -15.28 -9.55 -10.30
C PHE A 245 -14.32 -8.37 -10.24
N VAL A 246 -13.08 -8.62 -9.82
CA VAL A 246 -11.97 -7.63 -9.85
C VAL A 246 -10.71 -8.29 -10.42
N ALA A 247 -10.18 -7.71 -11.51
CA ALA A 247 -8.82 -7.93 -12.05
C ALA A 247 -7.84 -6.97 -11.36
N HIS A 248 -7.07 -7.49 -10.40
CA HIS A 248 -6.18 -6.70 -9.50
C HIS A 248 -4.81 -6.48 -10.16
N VAL A 249 -4.78 -5.81 -11.33
CA VAL A 249 -3.55 -5.63 -12.15
C VAL A 249 -2.49 -4.85 -11.34
N SER A 250 -2.88 -3.80 -10.62
CA SER A 250 -1.96 -2.86 -9.92
C SER A 250 -1.52 -3.40 -8.54
N LEU A 251 -2.19 -4.46 -8.03
CA LEU A 251 -1.70 -5.43 -7.01
C LEU A 251 -1.68 -4.88 -5.57
N ASP A 252 -1.95 -3.60 -5.31
CA ASP A 252 -1.90 -3.04 -3.93
C ASP A 252 -3.12 -2.16 -3.62
N ASP A 253 -4.22 -2.28 -4.38
CA ASP A 253 -5.44 -1.44 -4.19
C ASP A 253 -6.39 -2.10 -3.17
N LEU A 254 -6.52 -3.43 -3.21
CA LEU A 254 -7.51 -4.20 -2.42
C LEU A 254 -7.07 -4.28 -0.94
N LEU A 255 -8.00 -4.12 0.00
CA LEU A 255 -7.71 -4.29 1.45
C LEU A 255 -7.64 -5.79 1.76
N PRO A 256 -6.86 -6.17 2.78
CA PRO A 256 -6.75 -7.58 3.17
C PRO A 256 -8.12 -8.30 3.19
N GLU A 257 -9.16 -7.62 3.69
CA GLU A 257 -10.50 -8.24 3.93
C GLU A 257 -11.13 -8.71 2.61
N VAL A 258 -10.82 -8.06 1.48
CA VAL A 258 -11.40 -8.46 0.15
C VAL A 258 -10.95 -9.88 -0.16
N PHE A 259 -9.68 -10.19 0.09
CA PHE A 259 -9.08 -11.53 -0.14
C PHE A 259 -9.77 -12.57 0.77
N PHE A 260 -9.96 -12.26 2.05
CA PHE A 260 -10.50 -13.22 3.06
C PHE A 260 -12.00 -13.42 2.84
N LYS A 261 -12.72 -12.39 2.38
CA LYS A 261 -14.20 -12.45 2.16
C LYS A 261 -14.53 -12.82 0.70
N SER A 262 -13.53 -13.02 -0.15
CA SER A 262 -13.73 -13.35 -1.58
C SER A 262 -14.61 -14.60 -1.71
N GLU A 263 -15.57 -14.58 -2.64
CA GLU A 263 -16.33 -15.77 -3.09
C GLU A 263 -15.36 -16.77 -3.72
N ALA A 264 -14.30 -16.26 -4.35
CA ALA A 264 -13.18 -17.06 -4.91
C ALA A 264 -11.98 -16.16 -5.16
N LEU A 265 -10.78 -16.74 -5.13
CA LEU A 265 -9.50 -16.03 -5.32
C LEU A 265 -8.65 -16.85 -6.29
N PHE A 266 -8.35 -16.27 -7.46
CA PHE A 266 -7.58 -16.93 -8.55
C PHE A 266 -6.29 -16.16 -8.80
N VAL A 267 -5.19 -16.89 -8.93
CA VAL A 267 -3.82 -16.32 -9.17
C VAL A 267 -3.34 -16.83 -10.53
N ASP A 268 -2.23 -16.28 -11.03
CA ASP A 268 -1.53 -16.79 -12.24
C ASP A 268 -0.54 -17.86 -11.80
N ASP A 269 0.29 -17.54 -10.79
CA ASP A 269 1.35 -18.41 -10.23
C ASP A 269 1.52 -18.07 -8.74
N LEU A 270 1.19 -19.01 -7.85
CA LEU A 270 1.20 -18.80 -6.37
C LEU A 270 2.63 -18.53 -5.87
N GLU A 271 3.65 -19.18 -6.44
CA GLU A 271 5.07 -19.03 -6.01
C GLU A 271 5.59 -17.63 -6.35
N LEU A 272 5.34 -17.13 -7.58
CA LEU A 272 5.68 -15.73 -7.98
C LEU A 272 5.12 -14.76 -6.93
N ILE A 273 3.85 -14.96 -6.55
CA ILE A 273 3.14 -14.07 -5.60
C ILE A 273 3.81 -14.14 -4.23
N ARG A 274 4.10 -15.35 -3.73
CA ARG A 274 4.75 -15.57 -2.41
C ARG A 274 6.14 -14.92 -2.41
N GLU A 275 6.85 -14.95 -3.54
CA GLU A 275 8.23 -14.42 -3.71
C GLU A 275 8.22 -12.88 -3.73
N ASN A 276 7.06 -12.24 -3.80
CA ASN A 276 6.96 -10.76 -3.86
C ASN A 276 6.09 -10.24 -2.70
N PRO A 277 6.58 -10.37 -1.45
CA PRO A 277 5.78 -9.98 -0.28
C PRO A 277 5.57 -8.46 -0.13
N ARG A 278 6.19 -7.65 -0.99
CA ARG A 278 5.99 -6.16 -0.99
C ARG A 278 4.60 -5.83 -1.55
N ARG A 279 3.97 -6.76 -2.28
CA ARG A 279 2.55 -6.65 -2.73
C ARG A 279 1.66 -7.35 -1.70
N VAL A 280 0.48 -6.79 -1.45
CA VAL A 280 -0.40 -7.17 -0.30
C VAL A 280 -0.65 -8.68 -0.30
N LEU A 281 -0.98 -9.32 -1.43
CA LEU A 281 -1.32 -10.77 -1.38
C LEU A 281 -0.12 -11.59 -0.89
N GLY A 282 1.09 -11.31 -1.41
CA GLY A 282 2.35 -11.94 -0.95
C GLY A 282 2.56 -11.75 0.55
N ALA A 283 2.28 -10.55 1.07
CA ALA A 283 2.36 -10.22 2.50
C ALA A 283 1.38 -11.09 3.30
N LEU A 284 0.13 -11.20 2.85
CA LEU A 284 -0.91 -12.00 3.57
C LEU A 284 -0.47 -13.47 3.64
N LEU A 285 0.04 -14.04 2.54
CA LEU A 285 0.54 -15.45 2.49
C LEU A 285 1.60 -15.67 3.59
N ALA A 286 2.46 -14.69 3.84
CA ALA A 286 3.54 -14.76 4.87
C ALA A 286 2.94 -14.75 6.29
N ASP A 287 1.71 -14.23 6.47
CA ASP A 287 1.05 -14.11 7.79
C ASP A 287 0.32 -15.41 8.13
N GLY A 288 0.06 -16.27 7.14
CA GLY A 288 -0.60 -17.57 7.33
C GLY A 288 -1.49 -17.94 6.17
N ASP A 289 -2.56 -18.69 6.46
CA ASP A 289 -3.52 -19.26 5.49
C ASP A 289 -4.31 -18.14 4.81
N VAL A 290 -4.47 -18.23 3.47
CA VAL A 290 -5.31 -17.34 2.61
C VAL A 290 -6.15 -18.23 1.69
N PRO A 291 -7.47 -18.00 1.54
CA PRO A 291 -8.33 -18.91 0.78
C PRO A 291 -8.19 -18.77 -0.75
N VAL A 292 -7.04 -19.20 -1.28
CA VAL A 292 -6.75 -19.24 -2.75
C VAL A 292 -7.48 -20.44 -3.35
N THR A 293 -8.43 -20.18 -4.26
CA THR A 293 -9.23 -21.21 -4.97
C THR A 293 -8.32 -22.03 -5.90
N GLY A 294 -7.39 -21.37 -6.60
CA GLY A 294 -6.43 -22.01 -7.51
C GLY A 294 -5.90 -21.02 -8.53
N SER A 295 -5.35 -21.51 -9.65
CA SER A 295 -4.76 -20.68 -10.74
C SER A 295 -5.71 -20.66 -11.94
N LEU A 296 -5.56 -19.66 -12.82
CA LEU A 296 -6.33 -19.58 -14.09
C LEU A 296 -5.89 -20.76 -14.99
N GLY A 297 -4.59 -21.10 -14.97
CA GLY A 297 -4.03 -22.28 -15.64
C GLY A 297 -4.77 -23.56 -15.26
N GLY A 298 -4.97 -23.79 -13.96
CA GLY A 298 -5.66 -24.96 -13.40
C GLY A 298 -7.13 -25.02 -13.83
N VAL A 299 -7.77 -23.86 -14.00
CA VAL A 299 -9.18 -23.76 -14.51
C VAL A 299 -9.20 -24.26 -15.96
N LEU A 300 -8.25 -23.81 -16.79
CA LEU A 300 -8.18 -24.10 -18.26
C LEU A 300 -7.90 -25.57 -18.53
N THR A 301 -7.22 -26.28 -17.61
CA THR A 301 -6.85 -27.73 -17.77
C THR A 301 -7.95 -28.63 -17.18
N GLY A 302 -8.81 -28.08 -16.33
CA GLY A 302 -9.87 -28.83 -15.62
C GLY A 302 -9.40 -29.38 -14.28
N ALA A 303 -8.21 -28.95 -13.82
CA ALA A 303 -7.61 -29.33 -12.52
C ALA A 303 -8.41 -28.72 -11.37
N VAL A 304 -8.89 -27.47 -11.53
CA VAL A 304 -9.77 -26.80 -10.53
C VAL A 304 -11.05 -26.38 -11.26
N ALA A 305 -12.20 -26.50 -10.60
CA ALA A 305 -13.52 -26.07 -11.12
C ALA A 305 -13.54 -24.54 -11.16
N PRO A 306 -14.13 -23.93 -12.21
CA PRO A 306 -14.25 -22.48 -12.28
C PRO A 306 -15.34 -22.01 -11.30
N VAL A 307 -15.14 -20.84 -10.68
CA VAL A 307 -16.19 -20.16 -9.86
C VAL A 307 -16.44 -18.78 -10.49
N ARG A 308 -17.63 -18.57 -11.03
CA ARG A 308 -18.10 -17.25 -11.55
C ARG A 308 -18.79 -16.52 -10.40
N PRO A 309 -18.89 -15.17 -10.44
CA PRO A 309 -19.54 -14.42 -9.38
C PRO A 309 -21.02 -14.78 -9.23
N ARG A 310 -21.51 -14.94 -8.00
CA ARG A 310 -22.95 -15.21 -7.70
C ARG A 310 -23.40 -14.31 -6.55
N ASP A 311 -22.85 -14.52 -5.35
CA ASP A 311 -23.30 -13.87 -4.08
C ASP A 311 -22.28 -12.83 -3.60
N GLY A 312 -21.04 -12.88 -4.08
CA GLY A 312 -19.93 -12.07 -3.55
C GLY A 312 -19.04 -11.52 -4.66
N VAL A 313 -17.74 -11.34 -4.35
CA VAL A 313 -16.72 -10.86 -5.33
C VAL A 313 -15.70 -11.98 -5.60
N VAL A 314 -15.44 -12.26 -6.88
CA VAL A 314 -14.35 -13.13 -7.37
C VAL A 314 -13.13 -12.24 -7.64
N VAL A 315 -11.99 -12.57 -7.02
CA VAL A 315 -10.74 -11.76 -7.05
C VAL A 315 -9.73 -12.48 -7.94
N SER A 316 -9.21 -11.78 -8.95
CA SER A 316 -8.08 -12.25 -9.80
C SER A 316 -6.84 -11.39 -9.48
N ASN A 317 -5.79 -12.05 -8.99
CA ASN A 317 -4.51 -11.43 -8.55
C ASN A 317 -3.37 -12.07 -9.33
N PRO A 318 -3.05 -11.56 -10.53
CA PRO A 318 -1.89 -12.02 -11.30
C PRO A 318 -0.66 -11.14 -11.08
N PHE A 319 0.47 -11.74 -10.73
CA PHE A 319 1.75 -10.99 -10.58
C PHE A 319 2.28 -10.59 -11.97
N GLY A 320 2.11 -11.46 -12.97
CA GLY A 320 2.65 -11.26 -14.33
C GLY A 320 3.77 -12.25 -14.62
N MET A 321 3.56 -13.15 -15.59
CA MET A 321 4.53 -14.22 -15.95
C MET A 321 5.20 -13.86 -17.29
N ALA A 322 6.54 -13.80 -17.28
CA ALA A 322 7.41 -13.49 -18.44
C ALA A 322 7.21 -14.53 -19.57
N VAL A 323 6.91 -15.79 -19.25
CA VAL A 323 6.68 -16.86 -20.27
C VAL A 323 5.54 -16.44 -21.22
N LEU A 324 4.58 -15.65 -20.72
CA LEU A 324 3.45 -15.14 -21.55
C LEU A 324 4.00 -14.19 -22.62
N ASP A 325 4.92 -13.28 -22.26
CA ASP A 325 5.57 -12.32 -23.20
C ASP A 325 6.37 -13.10 -24.26
N VAL A 326 7.14 -14.11 -23.84
CA VAL A 326 7.94 -14.99 -24.74
C VAL A 326 6.98 -15.67 -25.72
N GLY A 327 5.89 -16.23 -25.22
CA GLY A 327 4.86 -16.93 -26.03
C GLY A 327 4.20 -15.98 -27.01
N LEU A 328 3.92 -14.75 -26.57
CA LEU A 328 3.29 -13.70 -27.41
C LEU A 328 4.30 -13.19 -28.44
N LEU A 329 5.59 -13.12 -28.09
CA LEU A 329 6.64 -12.66 -29.03
C LEU A 329 6.80 -13.71 -30.15
N ALA A 330 6.69 -14.99 -29.80
CA ALA A 330 6.77 -16.13 -30.76
C ALA A 330 5.65 -16.02 -31.80
N GLU A 331 4.42 -15.72 -31.36
CA GLU A 331 3.23 -15.58 -32.25
C GLU A 331 3.38 -14.33 -33.11
N VAL A 332 3.92 -13.25 -32.54
CA VAL A 332 4.14 -11.93 -33.22
C VAL A 332 5.18 -12.09 -34.33
N ALA A 333 6.28 -12.81 -34.05
CA ALA A 333 7.40 -13.04 -35.01
C ALA A 333 6.92 -13.92 -36.16
N ALA A 334 6.10 -14.95 -35.86
CA ALA A 334 5.48 -15.83 -36.87
C ALA A 334 4.61 -15.02 -37.84
N HIS A 335 3.86 -14.03 -37.32
CA HIS A 335 3.00 -13.15 -38.17
C HIS A 335 3.89 -12.20 -38.97
N ALA A 336 4.89 -11.60 -38.32
CA ALA A 336 5.87 -10.68 -38.95
C ALA A 336 6.53 -11.38 -40.14
N ARG A 337 6.95 -12.65 -39.99
CA ARG A 337 7.62 -13.44 -41.05
C ARG A 337 6.64 -13.68 -42.21
N SER A 338 5.43 -14.16 -41.92
CA SER A 338 4.43 -14.58 -42.94
C SER A 338 3.90 -13.35 -43.72
N ALA A 339 3.81 -12.18 -43.10
CA ALA A 339 3.41 -10.91 -43.76
C ALA A 339 4.65 -10.10 -44.18
N GLY A 340 5.85 -10.68 -44.04
CA GLY A 340 7.14 -10.03 -44.35
C GLY A 340 7.24 -8.64 -43.75
N LEU A 341 6.94 -8.49 -42.45
CA LEU A 341 7.09 -7.22 -41.69
C LEU A 341 8.40 -7.25 -40.92
N GLY A 342 8.89 -6.07 -40.48
CA GLY A 342 10.14 -5.90 -39.72
C GLY A 342 11.33 -5.67 -40.64
N THR A 343 12.52 -5.45 -40.07
CA THR A 343 13.78 -5.21 -40.83
C THR A 343 14.87 -6.16 -40.32
N THR A 344 15.53 -6.87 -41.25
CA THR A 344 16.64 -7.83 -40.96
C THR A 344 17.94 -7.05 -40.72
N LEU A 345 18.57 -7.22 -39.55
CA LEU A 345 19.88 -6.61 -39.19
C LEU A 345 21.00 -7.64 -39.43
N ASP A 346 22.03 -7.25 -40.18
CA ASP A 346 23.29 -8.02 -40.34
C ASP A 346 24.18 -7.78 -39.11
N LEU A 347 24.38 -8.81 -38.28
CA LEU A 347 25.15 -8.72 -37.01
C LEU A 347 26.67 -8.70 -37.30
N LEU A 348 27.11 -9.24 -38.45
CA LEU A 348 28.55 -9.34 -38.84
C LEU A 348 29.00 -8.06 -39.56
N GLY A 349 28.36 -7.71 -40.68
CA GLY A 349 28.54 -6.43 -41.38
C GLY A 349 29.64 -6.44 -42.42
N ALA A 350 30.24 -7.61 -42.70
CA ALA A 350 31.30 -7.82 -43.72
C ALA A 350 32.09 -6.52 -43.95
N SER B 24 28.85 -16.03 16.74
CA SER B 24 28.64 -14.70 16.11
C SER B 24 27.54 -13.93 16.85
N GLU B 25 27.37 -12.64 16.55
CA GLU B 25 26.32 -11.75 17.13
C GLU B 25 25.63 -11.01 15.97
N GLU B 26 24.46 -11.47 15.54
CA GLU B 26 23.81 -11.07 14.27
C GLU B 26 22.58 -10.21 14.53
N LEU B 27 22.35 -9.23 13.64
CA LEU B 27 21.17 -8.33 13.60
C LEU B 27 20.37 -8.61 12.34
N LEU B 28 19.05 -8.79 12.48
CA LEU B 28 18.08 -8.61 11.36
C LEU B 28 17.83 -7.11 11.20
N PHE B 29 18.15 -6.55 10.03
CA PHE B 29 18.02 -5.11 9.70
C PHE B 29 16.78 -4.89 8.83
N LEU B 30 15.90 -3.99 9.24
CA LEU B 30 14.62 -3.66 8.53
C LEU B 30 14.59 -2.17 8.20
N ASP B 31 14.78 -1.82 6.92
CA ASP B 31 14.71 -0.43 6.40
C ASP B 31 13.24 0.03 6.37
N ARG B 32 13.00 1.33 6.15
CA ARG B 32 11.64 1.94 6.22
C ARG B 32 10.66 1.18 5.30
N GLU B 33 11.04 0.93 4.05
CA GLU B 33 10.12 0.38 3.02
C GLU B 33 9.83 -1.10 3.32
N THR B 34 10.73 -1.80 4.02
CA THR B 34 10.50 -3.19 4.51
C THR B 34 9.46 -3.17 5.64
N VAL B 35 9.59 -2.23 6.58
CA VAL B 35 8.60 -2.05 7.68
C VAL B 35 7.23 -1.84 7.03
N ARG B 36 7.13 -0.94 6.05
CA ARG B 36 5.90 -0.62 5.26
C ARG B 36 5.27 -1.91 4.72
N ALA B 37 6.07 -2.73 4.04
CA ALA B 37 5.63 -3.97 3.35
C ALA B 37 5.02 -4.95 4.37
N CYS B 38 5.59 -5.03 5.57
CA CYS B 38 5.17 -6.00 6.63
C CYS B 38 3.83 -5.55 7.21
N VAL B 39 3.70 -4.25 7.49
CA VAL B 39 2.50 -3.61 8.12
C VAL B 39 1.27 -3.87 7.26
N ALA B 40 1.44 -3.86 5.94
CA ALA B 40 0.34 -4.12 4.96
C ALA B 40 -0.20 -5.54 5.14
N GLY B 41 0.56 -6.45 5.78
CA GLY B 41 0.24 -7.90 5.88
C GLY B 41 -0.09 -8.36 7.28
N VAL B 42 -0.11 -7.45 8.26
CA VAL B 42 -0.53 -7.73 9.66
C VAL B 42 -1.60 -6.70 10.03
N ASP B 43 -2.14 -6.80 11.24
CA ASP B 43 -3.22 -5.90 11.73
C ASP B 43 -2.63 -5.02 12.83
N PRO B 44 -2.09 -3.83 12.50
CA PRO B 44 -1.44 -2.98 13.50
C PRO B 44 -2.37 -2.46 14.60
N VAL B 45 -3.65 -2.25 14.29
CA VAL B 45 -4.64 -1.77 15.29
C VAL B 45 -4.90 -2.89 16.31
N GLU B 46 -4.97 -4.14 15.87
CA GLU B 46 -5.14 -5.33 16.74
C GLU B 46 -3.93 -5.49 17.68
N VAL B 47 -2.71 -5.24 17.18
CA VAL B 47 -1.45 -5.30 17.98
C VAL B 47 -1.51 -4.23 19.07
N VAL B 48 -1.81 -2.98 18.71
CA VAL B 48 -1.96 -1.85 19.67
C VAL B 48 -2.97 -2.24 20.76
N GLU B 49 -4.18 -2.65 20.38
CA GLU B 49 -5.27 -3.04 21.32
C GLU B 49 -4.78 -4.13 22.29
N SER B 50 -4.05 -5.13 21.80
CA SER B 50 -3.53 -6.24 22.64
C SER B 50 -2.55 -5.66 23.67
N VAL B 51 -1.59 -4.84 23.23
CA VAL B 51 -0.55 -4.24 24.11
C VAL B 51 -1.23 -3.35 25.17
N LEU B 52 -2.26 -2.57 24.80
CA LEU B 52 -3.00 -1.68 25.74
C LEU B 52 -3.68 -2.52 26.83
N ARG B 53 -4.22 -3.69 26.49
CA ARG B 53 -4.83 -4.65 27.46
C ARG B 53 -3.72 -5.25 28.34
N SER B 54 -2.55 -5.58 27.78
CA SER B 54 -1.39 -6.08 28.54
C SER B 54 -0.95 -5.02 29.56
N HIS B 55 -0.99 -3.74 29.19
CA HIS B 55 -0.52 -2.57 29.99
C HIS B 55 -1.56 -2.24 31.06
N ALA B 56 -2.86 -2.32 30.73
CA ALA B 56 -3.97 -2.12 31.67
C ALA B 56 -3.92 -3.19 32.78
N ALA B 57 -3.52 -4.42 32.45
CA ALA B 57 -3.40 -5.56 33.39
C ALA B 57 -2.10 -5.47 34.22
N GLY B 58 -1.20 -4.55 33.88
CA GLY B 58 0.10 -4.37 34.55
C GLY B 58 1.12 -5.42 34.11
N ARG B 59 1.07 -5.86 32.85
CA ARG B 59 1.97 -6.88 32.27
C ARG B 59 2.88 -6.23 31.21
N THR B 60 3.32 -5.00 31.49
CA THR B 60 4.34 -4.25 30.71
C THR B 60 5.31 -3.59 31.69
N THR B 61 6.42 -3.07 31.17
CA THR B 61 7.41 -2.22 31.89
C THR B 61 7.68 -0.99 31.01
N LEU B 62 7.41 0.20 31.51
CA LEU B 62 7.56 1.47 30.74
C LEU B 62 8.43 2.42 31.57
N PRO B 63 9.77 2.24 31.52
CA PRO B 63 10.69 3.13 32.24
C PRO B 63 10.57 4.59 31.79
N ALA B 64 11.12 5.51 32.58
CA ALA B 64 11.29 6.93 32.24
C ALA B 64 12.10 7.03 30.95
N GLU B 65 11.68 7.87 30.00
CA GLU B 65 12.37 8.08 28.70
C GLU B 65 13.62 8.95 28.94
N GLY B 66 14.77 8.51 28.42
CA GLY B 66 16.03 9.29 28.41
C GLY B 66 15.94 10.46 27.46
N TYR B 67 16.49 11.62 27.85
CA TYR B 67 16.33 12.92 27.14
C TYR B 67 17.68 13.66 27.07
N LEU B 68 18.17 13.89 25.84
CA LEU B 68 19.41 14.68 25.56
C LEU B 68 19.05 15.86 24.66
N PRO B 69 18.86 17.08 25.22
CA PRO B 69 18.58 18.28 24.44
C PRO B 69 19.86 19.05 24.11
N TRP B 70 19.86 19.81 23.01
CA TRP B 70 20.99 20.72 22.63
C TRP B 70 20.51 21.70 21.55
N GLU B 71 21.39 22.64 21.16
CA GLU B 71 21.10 23.73 20.20
C GLU B 71 22.16 23.74 19.10
N ASN B 72 21.77 23.43 17.86
CA ASN B 72 22.67 23.40 16.67
C ASN B 72 23.19 24.83 16.40
N ASP B 73 24.16 24.96 15.48
CA ASP B 73 24.88 26.23 15.16
C ASP B 73 23.91 27.26 14.56
N GLN B 74 22.78 26.81 14.00
CA GLN B 74 21.68 27.68 13.48
C GLN B 74 20.82 28.23 14.63
N GLY B 75 21.02 27.73 15.86
CA GLY B 75 20.27 28.15 17.06
C GLY B 75 18.89 27.49 17.14
N ALA B 76 18.73 26.32 16.51
CA ALA B 76 17.47 25.53 16.49
C ALA B 76 17.54 24.41 17.54
N TYR B 77 16.41 24.14 18.19
CA TYR B 77 16.25 23.14 19.29
C TYR B 77 16.42 21.72 18.71
N CYS B 78 17.33 20.93 19.29
CA CYS B 78 17.63 19.52 18.92
C CYS B 78 17.48 18.62 20.14
N ARG B 79 17.17 17.33 19.94
CA ARG B 79 16.95 16.35 21.03
C ARG B 79 17.11 14.91 20.52
N SER B 80 17.64 14.03 21.37
CA SER B 80 17.50 12.55 21.26
C SER B 80 16.61 12.06 22.41
N ILE B 81 15.68 11.16 22.12
CA ILE B 81 14.77 10.54 23.13
C ILE B 81 14.93 9.02 23.03
N ALA B 82 15.51 8.39 24.06
CA ALA B 82 15.71 6.93 24.19
C ALA B 82 14.57 6.37 25.07
N MET B 83 13.67 5.60 24.48
CA MET B 83 12.40 5.12 25.10
C MET B 83 12.40 3.59 25.16
N LEU B 84 12.77 3.03 26.32
CA LEU B 84 12.74 1.56 26.56
C LEU B 84 11.29 1.13 26.84
N GLY B 85 10.98 -0.13 26.56
CA GLY B 85 9.67 -0.75 26.80
C GLY B 85 9.75 -2.26 26.85
N ALA B 86 8.90 -2.88 27.67
CA ALA B 86 8.71 -4.36 27.75
C ALA B 86 7.22 -4.69 27.70
N VAL B 87 6.87 -5.81 27.07
CA VAL B 87 5.47 -6.33 26.95
C VAL B 87 5.50 -7.83 27.26
N ASP B 88 4.96 -8.23 28.42
CA ASP B 88 4.73 -9.65 28.80
C ASP B 88 3.30 -10.01 28.38
N GLY B 89 3.01 -9.93 27.08
CA GLY B 89 1.64 -9.92 26.55
C GLY B 89 1.23 -11.23 25.91
N GLU B 90 0.42 -11.15 24.84
CA GLU B 90 -0.29 -12.30 24.22
C GLU B 90 0.55 -12.86 23.06
N ARG B 91 1.84 -12.52 22.99
CA ARG B 91 2.81 -13.06 22.00
C ARG B 91 4.16 -13.35 22.70
N GLY B 92 4.13 -13.68 24.00
CA GLY B 92 5.32 -13.96 24.82
C GLY B 92 6.03 -12.68 25.27
N PRO B 93 7.10 -12.77 26.10
CA PRO B 93 7.81 -11.59 26.59
C PRO B 93 8.66 -10.94 25.48
N THR B 94 8.50 -9.63 25.29
CA THR B 94 9.19 -8.81 24.26
C THR B 94 9.87 -7.62 24.92
N TYR B 95 11.11 -7.34 24.53
CA TYR B 95 11.97 -6.26 25.07
C TYR B 95 12.61 -5.49 23.90
N GLY B 96 12.67 -4.17 24.00
CA GLY B 96 13.20 -3.30 22.93
C GLY B 96 13.36 -1.86 23.36
N ILE B 97 13.83 -1.03 22.44
CA ILE B 97 14.02 0.45 22.64
C ILE B 97 13.65 1.17 21.33
N LYS B 98 13.22 2.42 21.46
CA LYS B 98 12.94 3.32 20.31
C LYS B 98 13.75 4.61 20.53
N LEU B 99 14.70 4.87 19.63
CA LEU B 99 15.54 6.09 19.62
C LEU B 99 15.00 7.05 18.56
N ILE B 100 14.39 8.15 18.99
CA ILE B 100 13.78 9.17 18.09
C ILE B 100 14.40 10.53 18.37
N ASN B 101 15.04 11.09 17.35
CA ASN B 101 15.76 12.39 17.38
C ASN B 101 15.08 13.34 16.40
N ALA B 102 15.05 14.64 16.73
CA ALA B 102 14.40 15.70 15.92
C ALA B 102 15.22 16.99 16.00
N ALA B 103 15.25 17.73 14.89
CA ALA B 103 15.71 19.14 14.80
C ALA B 103 14.58 19.99 14.22
N VAL B 104 14.25 21.10 14.89
CA VAL B 104 13.25 22.12 14.46
C VAL B 104 13.56 22.54 13.02
N SER B 105 14.85 22.74 12.70
CA SER B 105 15.35 23.33 11.43
C SER B 105 15.33 22.32 10.27
N ASN B 106 15.00 21.05 10.51
CA ASN B 106 15.06 19.96 9.49
C ASN B 106 14.14 20.27 8.31
N PRO B 107 12.81 20.53 8.52
CA PRO B 107 11.92 20.90 7.41
C PRO B 107 12.38 22.10 6.56
N SER B 108 13.18 23.01 7.12
CA SER B 108 13.81 24.16 6.40
C SER B 108 14.75 23.63 5.32
N ILE B 109 15.67 22.73 5.70
CA ILE B 109 16.74 22.17 4.82
C ILE B 109 16.19 20.96 4.04
N GLY B 110 14.89 20.69 4.14
CA GLY B 110 14.16 19.74 3.27
C GLY B 110 14.15 18.31 3.81
N LEU B 111 14.43 18.13 5.11
CA LEU B 111 14.43 16.82 5.82
C LEU B 111 13.19 16.70 6.71
N ASP B 112 12.62 15.50 6.83
CA ASP B 112 11.57 15.17 7.85
C ASP B 112 12.08 15.59 9.23
N ARG B 113 11.18 16.07 10.08
CA ARG B 113 11.47 16.69 11.41
C ARG B 113 12.17 15.67 12.31
N ALA B 114 11.74 14.40 12.26
CA ALA B 114 12.12 13.31 13.19
C ALA B 114 12.71 12.13 12.41
N GLY B 115 13.78 11.53 12.95
CA GLY B 115 14.42 10.31 12.42
C GLY B 115 14.97 9.46 13.54
N GLY B 116 15.25 8.19 13.28
CA GLY B 116 15.89 7.31 14.27
C GLY B 116 15.71 5.84 13.97
N CYS B 117 16.02 5.00 14.97
CA CYS B 117 16.19 3.53 14.87
C CYS B 117 15.59 2.86 16.11
N GLY B 118 15.16 1.60 15.98
CA GLY B 118 14.64 0.77 17.08
C GLY B 118 15.34 -0.57 17.14
N PHE B 119 15.49 -1.13 18.34
CA PHE B 119 16.02 -2.50 18.60
C PHE B 119 14.98 -3.33 19.34
N LEU B 120 14.95 -4.64 19.08
CA LEU B 120 14.44 -5.68 20.00
C LEU B 120 15.65 -6.41 20.62
N PHE B 121 15.50 -6.92 21.85
CA PHE B 121 16.52 -7.67 22.61
C PHE B 121 16.03 -9.11 22.83
N ASP B 122 16.93 -10.09 22.74
CA ASP B 122 16.65 -11.51 23.04
C ASP B 122 16.20 -11.61 24.50
N PRO B 123 15.04 -12.25 24.80
CA PRO B 123 14.60 -12.45 26.17
C PRO B 123 15.62 -13.13 27.10
N ARG B 124 16.43 -14.04 26.54
CA ARG B 124 17.35 -14.93 27.31
C ARG B 124 18.69 -14.22 27.57
N THR B 125 19.31 -13.65 26.53
CA THR B 125 20.71 -13.14 26.56
C THR B 125 20.75 -11.61 26.67
N ALA B 126 19.63 -10.93 26.39
CA ALA B 126 19.46 -9.45 26.43
C ALA B 126 20.13 -8.77 25.23
N ARG B 127 20.70 -9.54 24.30
CA ARG B 127 21.42 -9.02 23.10
C ARG B 127 20.43 -8.40 22.12
N PRO B 128 20.76 -7.23 21.52
CA PRO B 128 19.98 -6.71 20.38
C PRO B 128 20.06 -7.69 19.18
N VAL B 129 18.89 -8.09 18.65
CA VAL B 129 18.77 -9.12 17.57
C VAL B 129 17.97 -8.57 16.37
N VAL B 130 17.36 -7.39 16.49
CA VAL B 130 16.62 -6.73 15.38
C VAL B 130 16.94 -5.22 15.40
N LEU B 131 17.26 -4.66 14.24
CA LEU B 131 17.49 -3.21 14.04
C LEU B 131 16.56 -2.73 12.94
N ALA B 132 15.83 -1.64 13.16
CA ALA B 132 14.88 -1.08 12.18
C ALA B 132 14.95 0.44 12.18
N GLU B 133 14.73 1.05 11.01
CA GLU B 133 14.29 2.46 10.89
C GLU B 133 12.98 2.57 11.67
N ALA B 134 12.74 3.68 12.36
CA ALA B 134 11.72 3.78 13.43
C ALA B 134 10.76 4.96 13.22
N ALA B 135 11.11 5.98 12.43
CA ALA B 135 10.29 7.20 12.27
C ALA B 135 8.92 6.84 11.66
N TYR B 136 8.89 5.98 10.64
CA TYR B 136 7.63 5.48 10.02
C TYR B 136 6.88 4.58 11.02
N LEU B 137 7.56 3.60 11.64
CA LEU B 137 6.99 2.72 12.70
C LEU B 137 6.34 3.59 13.78
N SER B 138 7.03 4.63 14.23
CA SER B 138 6.55 5.60 15.24
C SER B 138 5.25 6.26 14.74
N GLY B 139 5.23 6.75 13.50
CA GLY B 139 4.02 7.32 12.86
C GLY B 139 2.87 6.31 12.81
N LEU B 140 3.17 5.11 12.34
CA LEU B 140 2.21 3.97 12.24
C LEU B 140 1.57 3.69 13.61
N ARG B 141 2.38 3.51 14.65
CA ARG B 141 1.91 3.23 16.04
C ARG B 141 0.93 4.31 16.50
N THR B 142 1.27 5.58 16.26
CA THR B 142 0.46 6.76 16.67
C THR B 142 -0.90 6.70 15.93
N ALA B 143 -0.88 6.48 14.63
CA ALA B 143 -2.09 6.42 13.77
C ALA B 143 -2.97 5.23 14.20
N ALA B 144 -2.36 4.08 14.51
CA ALA B 144 -3.05 2.85 14.94
C ALA B 144 -3.75 3.10 16.30
N TYR B 145 -3.13 3.83 17.22
CA TYR B 145 -3.79 4.26 18.48
C TYR B 145 -5.02 5.12 18.14
N THR B 146 -4.88 6.13 17.28
CA THR B 146 -6.02 6.97 16.83
C THR B 146 -7.15 6.07 16.31
N MET B 147 -6.85 5.10 15.44
CA MET B 147 -7.88 4.21 14.82
C MET B 147 -8.59 3.41 15.93
N ALA B 148 -7.87 2.97 16.96
CA ALA B 148 -8.44 2.21 18.11
C ALA B 148 -9.38 3.13 18.89
N SER B 149 -8.94 4.37 19.13
CA SER B 149 -9.72 5.37 19.90
C SER B 149 -11.04 5.67 19.18
N LEU B 150 -11.01 5.79 17.85
CA LEU B 150 -12.22 6.13 17.05
C LEU B 150 -13.21 4.96 17.05
N ARG B 151 -12.69 3.73 17.01
CA ARG B 151 -13.48 2.48 16.90
C ARG B 151 -14.36 2.32 18.14
N HIS B 152 -13.85 2.64 19.34
CA HIS B 152 -14.55 2.45 20.64
C HIS B 152 -15.11 3.76 21.21
N LEU B 153 -14.58 4.93 20.84
CA LEU B 153 -14.95 6.22 21.49
C LEU B 153 -15.40 7.26 20.48
N GLY B 154 -15.31 6.98 19.18
CA GLY B 154 -15.70 7.90 18.11
C GLY B 154 -17.20 7.81 17.82
N PRO B 155 -17.75 8.75 17.02
CA PRO B 155 -19.11 8.61 16.51
C PRO B 155 -19.15 7.34 15.63
N VAL B 156 -20.28 6.65 15.55
CA VAL B 156 -20.47 5.52 14.58
C VAL B 156 -20.95 6.12 13.26
N GLY B 157 -20.30 5.76 12.15
CA GLY B 157 -20.74 6.07 10.77
C GLY B 157 -20.23 7.40 10.24
N PHE B 158 -19.26 8.04 10.91
CA PHE B 158 -18.64 9.30 10.43
C PHE B 158 -18.02 9.06 9.04
N ASP B 159 -18.16 10.04 8.14
CA ASP B 159 -17.71 9.94 6.72
C ASP B 159 -16.71 11.05 6.39
N ALA B 160 -16.30 11.84 7.37
CA ALA B 160 -15.40 13.01 7.19
C ALA B 160 -14.51 13.14 8.43
N VAL B 161 -13.23 13.46 8.22
CA VAL B 161 -12.23 13.72 9.29
C VAL B 161 -11.48 15.00 8.94
N SER B 162 -11.17 15.81 9.96
CA SER B 162 -10.39 17.07 9.84
C SER B 162 -8.99 16.85 10.42
N PHE B 163 -7.97 17.37 9.72
CA PHE B 163 -6.55 17.42 10.15
C PHE B 163 -6.11 18.88 10.29
N ILE B 164 -5.52 19.24 11.42
CA ILE B 164 -4.66 20.45 11.54
C ILE B 164 -3.21 19.98 11.43
N GLY B 165 -2.56 20.30 10.30
CA GLY B 165 -1.19 19.87 9.98
C GLY B 165 -1.19 18.68 9.05
N THR B 166 -0.41 18.75 7.97
CA THR B 166 -0.40 17.77 6.84
C THR B 166 1.01 17.23 6.64
N GLY B 167 1.76 17.01 7.73
CA GLY B 167 3.13 16.45 7.67
C GLY B 167 3.12 14.94 7.57
N ALA B 168 4.14 14.29 8.12
CA ALA B 168 4.38 12.83 8.05
C ALA B 168 3.26 12.09 8.80
N GLN B 169 2.85 12.59 9.96
CA GLN B 169 1.78 11.98 10.80
C GLN B 169 0.47 11.99 10.02
N ALA B 170 0.19 13.04 9.25
CA ALA B 170 -1.05 13.19 8.45
C ALA B 170 -1.12 12.12 7.35
N ARG B 171 0.00 11.80 6.70
CA ARG B 171 0.05 10.82 5.58
C ARG B 171 -0.26 9.42 6.11
N VAL B 172 0.35 9.03 7.24
CA VAL B 172 0.20 7.66 7.83
C VAL B 172 -1.21 7.53 8.43
N HIS B 173 -1.74 8.59 9.05
CA HIS B 173 -3.15 8.66 9.53
C HIS B 173 -4.13 8.47 8.37
N ALA B 174 -3.87 9.08 7.21
CA ALA B 174 -4.72 8.92 6.00
C ALA B 174 -4.73 7.44 5.56
N ALA B 175 -3.57 6.82 5.47
CA ALA B 175 -3.41 5.41 5.02
C ALA B 175 -4.25 4.47 5.91
N LEU B 176 -4.23 4.66 7.23
CA LEU B 176 -4.95 3.76 8.20
C LEU B 176 -6.46 4.04 8.15
N LEU B 177 -6.87 5.29 7.92
CA LEU B 177 -8.30 5.66 7.79
C LEU B 177 -8.90 4.86 6.61
N ALA B 178 -8.11 4.70 5.53
CA ALA B 178 -8.48 3.92 4.33
C ALA B 178 -8.70 2.44 4.71
N ARG B 179 -7.85 1.89 5.58
CA ARG B 179 -7.94 0.46 6.00
C ARG B 179 -9.09 0.23 6.99
N TYR B 180 -9.29 1.14 7.95
CA TYR B 180 -10.11 0.89 9.16
C TYR B 180 -11.45 1.64 9.13
N PHE B 181 -11.56 2.76 8.42
CA PHE B 181 -12.83 3.54 8.29
C PHE B 181 -13.04 3.94 6.84
N PRO B 182 -13.35 2.97 5.95
CA PRO B 182 -13.53 3.23 4.53
C PRO B 182 -14.69 4.16 4.15
N ALA B 183 -15.67 4.37 5.04
CA ALA B 183 -16.78 5.33 4.83
C ALA B 183 -16.27 6.78 4.90
N VAL B 184 -15.06 7.00 5.43
CA VAL B 184 -14.39 8.33 5.41
C VAL B 184 -13.92 8.60 3.98
N ARG B 185 -14.60 9.52 3.29
CA ARG B 185 -14.35 9.87 1.86
C ARG B 185 -13.80 11.30 1.79
N ASP B 186 -14.03 12.13 2.82
CA ASP B 186 -13.68 13.57 2.81
C ASP B 186 -12.68 13.86 3.95
N LEU B 187 -11.53 14.45 3.61
CA LEU B 187 -10.52 14.96 4.59
C LEU B 187 -10.47 16.48 4.50
N HIS B 188 -10.77 17.18 5.59
CA HIS B 188 -10.75 18.67 5.70
C HIS B 188 -9.45 19.08 6.38
N VAL B 189 -8.55 19.76 5.67
CA VAL B 189 -7.17 20.03 6.16
C VAL B 189 -6.89 21.55 6.22
N PHE B 190 -6.09 21.94 7.20
CA PHE B 190 -5.45 23.27 7.30
C PHE B 190 -3.98 23.06 7.71
N ASP B 191 -3.08 23.86 7.13
CA ASP B 191 -1.64 23.93 7.47
C ASP B 191 -1.20 25.39 7.33
N THR B 192 -0.34 25.86 8.26
CA THR B 192 0.22 27.24 8.27
C THR B 192 1.05 27.47 6.99
N GLU B 193 1.74 26.45 6.49
CA GLU B 193 2.39 26.43 5.14
C GLU B 193 1.39 25.83 4.14
N ARG B 194 0.59 26.67 3.49
CA ARG B 194 -0.51 26.28 2.57
C ARG B 194 0.03 25.36 1.46
N SER B 195 1.30 25.53 1.06
CA SER B 195 1.98 24.69 0.03
C SER B 195 1.95 23.21 0.43
N ARG B 196 2.18 22.91 1.71
CA ARG B 196 2.13 21.53 2.27
C ARG B 196 0.71 20.99 2.21
N ALA B 197 -0.29 21.82 2.55
CA ALA B 197 -1.73 21.47 2.53
C ALA B 197 -2.18 21.15 1.10
N GLU B 198 -1.63 21.87 0.11
CA GLU B 198 -2.03 21.73 -1.32
C GLU B 198 -1.43 20.46 -1.92
N ALA B 199 -0.33 19.96 -1.35
CA ALA B 199 0.41 18.76 -1.81
C ALA B 199 -0.19 17.50 -1.18
N PHE B 200 -0.96 17.63 -0.10
CA PHE B 200 -1.53 16.51 0.67
C PHE B 200 -2.67 15.87 -0.13
N THR B 201 -2.61 14.55 -0.37
CA THR B 201 -3.56 13.79 -1.23
C THR B 201 -4.39 12.79 -0.41
N GLY B 202 -3.93 12.38 0.77
CA GLY B 202 -4.46 11.19 1.48
C GLY B 202 -4.29 9.94 0.64
N ALA B 203 -5.12 8.92 0.84
CA ALA B 203 -5.17 7.68 0.02
C ALA B 203 -6.16 7.89 -1.13
N SER B 204 -6.27 6.90 -2.03
CA SER B 204 -7.00 7.02 -3.33
C SER B 204 -8.50 7.12 -3.10
N GLY B 205 -9.01 6.65 -1.96
CA GLY B 205 -10.45 6.71 -1.63
C GLY B 205 -10.86 8.04 -1.02
N HIS B 206 -9.93 9.01 -0.90
CA HIS B 206 -10.13 10.29 -0.17
C HIS B 206 -10.17 11.49 -1.14
N THR B 207 -11.17 12.35 -0.97
CA THR B 207 -11.20 13.74 -1.51
C THR B 207 -10.66 14.68 -0.43
N VAL B 208 -9.63 15.48 -0.73
CA VAL B 208 -9.04 16.47 0.21
C VAL B 208 -9.66 17.85 -0.05
N HIS B 209 -10.31 18.43 0.97
CA HIS B 209 -10.81 19.83 0.99
C HIS B 209 -9.83 20.69 1.81
N VAL B 210 -9.12 21.62 1.16
CA VAL B 210 -8.20 22.58 1.85
C VAL B 210 -9.05 23.75 2.36
N HIS B 211 -8.90 24.08 3.64
CA HIS B 211 -9.56 25.22 4.34
C HIS B 211 -8.48 26.26 4.68
N ASP B 212 -8.89 27.52 4.84
CA ASP B 212 -7.98 28.70 4.88
C ASP B 212 -7.61 29.03 6.34
N THR B 213 -8.40 28.58 7.33
CA THR B 213 -8.12 28.74 8.78
C THR B 213 -8.29 27.40 9.51
N ALA B 214 -7.64 27.27 10.68
CA ALA B 214 -7.82 26.15 11.64
C ALA B 214 -9.32 25.98 11.95
N GLU B 215 -9.99 27.08 12.29
CA GLU B 215 -11.43 27.13 12.68
C GLU B 215 -12.27 26.43 11.60
N ALA B 216 -12.08 26.78 10.33
CA ALA B 216 -12.88 26.28 9.18
C ALA B 216 -12.72 24.77 9.05
N ALA B 217 -11.49 24.25 9.22
CA ALA B 217 -11.19 22.80 9.19
C ALA B 217 -11.97 22.10 10.32
N VAL B 218 -11.90 22.61 11.54
CA VAL B 218 -12.56 21.99 12.74
C VAL B 218 -14.07 21.89 12.50
N ARG B 219 -14.70 23.00 12.09
CA ARG B 219 -16.18 23.15 11.99
C ARG B 219 -16.76 22.27 10.88
N ALA B 220 -15.93 21.83 9.93
CA ALA B 220 -16.35 21.10 8.71
C ALA B 220 -16.63 19.61 9.00
N SER B 221 -16.42 19.10 10.21
CA SER B 221 -16.68 17.66 10.53
C SER B 221 -16.83 17.42 12.04
N HIS B 222 -17.11 16.16 12.40
CA HIS B 222 -17.33 15.71 13.81
C HIS B 222 -16.08 15.01 14.35
N VAL B 223 -15.00 14.88 13.58
CA VAL B 223 -13.75 14.15 14.02
C VAL B 223 -12.52 14.98 13.66
N LEU B 224 -11.73 15.37 14.67
CA LEU B 224 -10.49 16.18 14.50
C LEU B 224 -9.27 15.37 14.94
N VAL B 225 -8.17 15.46 14.19
CA VAL B 225 -6.82 15.00 14.63
C VAL B 225 -5.85 16.18 14.52
N THR B 226 -5.32 16.66 15.65
CA THR B 226 -4.31 17.76 15.71
C THR B 226 -2.91 17.15 15.50
N LEU B 227 -2.23 17.57 14.44
CA LEU B 227 -0.91 17.02 13.99
C LEU B 227 0.10 18.14 13.77
N THR B 228 0.12 19.15 14.64
CA THR B 228 1.03 20.33 14.58
C THR B 228 2.25 20.10 15.48
N THR B 229 3.10 21.13 15.61
CA THR B 229 4.27 21.17 16.54
C THR B 229 4.14 22.38 17.47
N VAL B 230 2.93 22.89 17.71
CA VAL B 230 2.69 24.08 18.59
C VAL B 230 3.08 23.72 20.03
N ASP B 231 3.43 24.73 20.83
CA ASP B 231 3.70 24.60 22.29
C ASP B 231 2.73 25.50 23.06
N ASP B 232 1.72 26.05 22.39
CA ASP B 232 0.74 27.02 22.97
C ASP B 232 -0.64 26.74 22.36
N GLY B 233 -1.68 26.71 23.20
CA GLY B 233 -3.07 26.38 22.80
C GLY B 233 -3.71 27.49 21.98
N TYR B 234 -4.63 27.14 21.06
CA TYR B 234 -5.36 28.10 20.20
C TYR B 234 -6.80 27.65 19.93
N ILE B 235 -7.18 26.40 20.25
CA ILE B 235 -8.52 25.82 19.88
C ILE B 235 -9.47 25.94 21.08
N PRO B 236 -10.57 26.74 20.96
CA PRO B 236 -11.61 26.80 21.98
C PRO B 236 -12.68 25.72 21.83
N HIS B 237 -13.51 25.53 22.86
CA HIS B 237 -14.62 24.54 22.90
C HIS B 237 -15.69 24.88 21.85
N ASP B 238 -15.89 26.18 21.57
CA ASP B 238 -16.99 26.72 20.72
C ASP B 238 -16.88 26.19 19.29
N TRP B 239 -15.67 25.88 18.80
CA TRP B 239 -15.43 25.42 17.41
C TRP B 239 -16.08 24.05 17.16
N PHE B 240 -16.17 23.21 18.20
CA PHE B 240 -16.61 21.79 18.08
C PHE B 240 -18.13 21.74 17.89
N ARG B 241 -18.57 20.96 16.91
CA ARG B 241 -19.99 20.58 16.75
C ARG B 241 -20.44 19.80 17.99
N PRO B 242 -21.75 19.78 18.31
CA PRO B 242 -22.29 18.79 19.23
C PRO B 242 -22.03 17.37 18.70
N GLY B 243 -21.60 16.45 19.56
CA GLY B 243 -21.26 15.07 19.19
C GLY B 243 -19.99 15.03 18.36
N SER B 244 -18.93 15.63 18.88
CA SER B 244 -17.59 15.79 18.25
C SER B 244 -16.56 14.92 18.96
N PHE B 245 -15.46 14.61 18.27
CA PHE B 245 -14.31 13.83 18.78
C PHE B 245 -13.03 14.54 18.37
N VAL B 246 -12.01 14.52 19.24
CA VAL B 246 -10.65 15.06 18.95
C VAL B 246 -9.60 14.07 19.46
N ALA B 247 -8.71 13.64 18.56
CA ALA B 247 -7.47 12.88 18.86
C ALA B 247 -6.31 13.88 18.96
N HIS B 248 -5.94 14.26 20.19
CA HIS B 248 -4.99 15.34 20.52
C HIS B 248 -3.56 14.83 20.38
N VAL B 249 -3.14 14.49 19.17
CA VAL B 249 -1.80 13.86 18.90
C VAL B 249 -0.69 14.88 19.20
N SER B 250 -0.86 16.16 18.82
CA SER B 250 0.19 17.21 18.95
C SER B 250 0.26 17.77 20.38
N LEU B 251 -0.76 17.52 21.22
CA LEU B 251 -0.71 17.56 22.72
C LEU B 251 -0.73 18.97 23.31
N ASP B 252 -0.75 20.05 22.52
CA ASP B 252 -0.73 21.44 23.06
C ASP B 252 -1.68 22.36 22.28
N ASP B 253 -2.51 21.82 21.38
CA ASP B 253 -3.43 22.62 20.52
C ASP B 253 -4.65 23.07 21.32
N LEU B 254 -5.25 22.19 22.12
CA LEU B 254 -6.53 22.43 22.84
C LEU B 254 -6.29 23.39 24.01
N LEU B 255 -7.09 24.45 24.08
CA LEU B 255 -7.14 25.37 25.26
C LEU B 255 -7.68 24.59 26.46
N PRO B 256 -7.35 24.99 27.71
CA PRO B 256 -7.78 24.26 28.90
C PRO B 256 -9.29 24.02 29.01
N GLU B 257 -10.12 24.95 28.52
CA GLU B 257 -11.60 24.87 28.65
C GLU B 257 -12.13 23.63 27.91
N VAL B 258 -11.45 23.18 26.84
CA VAL B 258 -11.90 21.98 26.06
C VAL B 258 -11.92 20.77 26.99
N PHE B 259 -10.87 20.61 27.79
CA PHE B 259 -10.70 19.52 28.81
C PHE B 259 -11.81 19.62 29.86
N PHE B 260 -12.08 20.82 30.38
CA PHE B 260 -13.00 21.09 31.52
C PHE B 260 -14.44 20.90 31.07
N LYS B 261 -14.76 21.31 29.83
CA LYS B 261 -16.15 21.26 29.28
C LYS B 261 -16.41 19.93 28.55
N SER B 262 -15.41 19.05 28.41
CA SER B 262 -15.50 17.80 27.61
C SER B 262 -16.65 16.92 28.11
N GLU B 263 -17.36 16.28 27.18
CA GLU B 263 -18.37 15.22 27.43
C GLU B 263 -17.67 14.02 28.08
N ALA B 264 -16.42 13.75 27.69
CA ALA B 264 -15.55 12.71 28.25
C ALA B 264 -14.11 13.00 27.85
N LEU B 265 -13.15 12.39 28.56
CA LEU B 265 -11.69 12.62 28.41
C LEU B 265 -10.97 11.30 28.67
N PHE B 266 -10.34 10.71 27.64
CA PHE B 266 -9.61 9.43 27.74
C PHE B 266 -8.13 9.65 27.42
N VAL B 267 -7.26 8.99 28.18
CA VAL B 267 -5.77 9.12 28.12
C VAL B 267 -5.20 7.76 27.73
N ASP B 268 -3.91 7.69 27.41
CA ASP B 268 -3.19 6.40 27.22
C ASP B 268 -2.73 5.91 28.59
N ASP B 269 -2.10 6.80 29.37
CA ASP B 269 -1.50 6.49 30.70
C ASP B 269 -1.42 7.80 31.51
N LEU B 270 -2.25 7.92 32.55
CA LEU B 270 -2.43 9.16 33.36
C LEU B 270 -1.11 9.58 34.04
N GLU B 271 -0.36 8.63 34.61
CA GLU B 271 0.90 8.93 35.37
C GLU B 271 1.96 9.48 34.41
N LEU B 272 2.14 8.85 33.24
CA LEU B 272 2.95 9.38 32.11
C LEU B 272 2.64 10.87 31.91
N ILE B 273 1.35 11.20 31.72
CA ILE B 273 0.87 12.58 31.41
C ILE B 273 1.19 13.51 32.59
N ARG B 274 0.94 13.04 33.82
CA ARG B 274 1.16 13.82 35.07
C ARG B 274 2.63 14.27 35.13
N GLU B 275 3.57 13.41 34.69
CA GLU B 275 5.03 13.63 34.81
C GLU B 275 5.58 14.51 33.67
N ASN B 276 4.73 15.04 32.78
CA ASN B 276 5.16 15.88 31.63
C ASN B 276 4.33 17.15 31.58
N PRO B 277 4.40 18.01 32.63
CA PRO B 277 3.59 19.23 32.68
C PRO B 277 3.91 20.27 31.59
N ARG B 278 4.96 20.06 30.79
CA ARG B 278 5.27 20.86 29.58
C ARG B 278 4.04 20.90 28.66
N ARG B 279 3.28 19.80 28.62
CA ARG B 279 2.03 19.65 27.81
C ARG B 279 0.82 20.02 28.68
N VAL B 280 -0.19 20.66 28.08
CA VAL B 280 -1.31 21.36 28.78
C VAL B 280 -1.99 20.42 29.78
N LEU B 281 -2.27 19.15 29.43
CA LEU B 281 -3.05 18.25 30.33
C LEU B 281 -2.21 17.93 31.58
N GLY B 282 -0.89 17.77 31.43
CA GLY B 282 0.07 17.63 32.54
C GLY B 282 0.02 18.83 33.48
N ALA B 283 0.05 20.05 32.91
CA ALA B 283 -0.04 21.34 33.63
C ALA B 283 -1.36 21.40 34.42
N LEU B 284 -2.49 21.09 33.77
CA LEU B 284 -3.84 21.17 34.37
C LEU B 284 -3.96 20.18 35.54
N LEU B 285 -3.37 18.99 35.43
CA LEU B 285 -3.44 17.95 36.48
C LEU B 285 -2.64 18.41 37.71
N ALA B 286 -1.46 19.03 37.51
CA ALA B 286 -0.65 19.62 38.60
C ALA B 286 -1.44 20.71 39.31
N ASP B 287 -2.16 21.55 38.56
CA ASP B 287 -2.90 22.74 39.05
C ASP B 287 -4.03 22.31 40.00
N GLY B 288 -4.75 21.23 39.69
CA GLY B 288 -5.89 20.74 40.49
C GLY B 288 -6.62 19.59 39.84
N ASP B 289 -7.95 19.58 39.95
CA ASP B 289 -8.84 18.49 39.45
C ASP B 289 -9.14 18.71 37.97
N VAL B 290 -9.11 17.62 37.19
CA VAL B 290 -9.51 17.57 35.75
C VAL B 290 -10.41 16.35 35.56
N PRO B 291 -11.55 16.48 34.84
CA PRO B 291 -12.50 15.37 34.71
C PRO B 291 -12.04 14.27 33.72
N VAL B 292 -11.01 13.51 34.11
CA VAL B 292 -10.46 12.38 33.33
C VAL B 292 -11.40 11.18 33.49
N THR B 293 -11.96 10.69 32.38
CA THR B 293 -12.94 9.58 32.36
C THR B 293 -12.20 8.26 32.64
N GLY B 294 -11.00 8.09 32.08
CA GLY B 294 -10.20 6.86 32.17
C GLY B 294 -9.19 6.75 31.02
N SER B 295 -8.67 5.54 30.80
CA SER B 295 -7.70 5.21 29.71
C SER B 295 -8.38 4.30 28.67
N LEU B 296 -7.94 4.39 27.42
CA LEU B 296 -8.42 3.52 26.31
C LEU B 296 -8.15 2.06 26.69
N GLY B 297 -6.99 1.77 27.31
CA GLY B 297 -6.68 0.45 27.88
C GLY B 297 -7.78 -0.02 28.83
N GLY B 298 -8.26 0.88 29.70
CA GLY B 298 -9.36 0.62 30.65
C GLY B 298 -10.65 0.24 29.94
N VAL B 299 -10.98 0.93 28.85
CA VAL B 299 -12.17 0.63 28.00
C VAL B 299 -12.05 -0.79 27.45
N LEU B 300 -10.88 -1.16 26.93
CA LEU B 300 -10.63 -2.47 26.26
C LEU B 300 -10.72 -3.62 27.28
N THR B 301 -10.37 -3.40 28.56
CA THR B 301 -10.39 -4.43 29.63
C THR B 301 -11.74 -4.42 30.38
N GLY B 302 -12.50 -3.33 30.29
CA GLY B 302 -13.80 -3.19 31.00
C GLY B 302 -13.67 -2.50 32.34
N ALA B 303 -12.49 -1.97 32.68
CA ALA B 303 -12.24 -1.21 33.94
C ALA B 303 -13.04 0.09 33.90
N VAL B 304 -13.31 0.63 32.71
CA VAL B 304 -14.15 1.85 32.50
C VAL B 304 -15.09 1.65 31.31
N ALA B 305 -16.26 2.28 31.35
CA ALA B 305 -17.27 2.30 30.27
C ALA B 305 -16.75 3.18 29.14
N PRO B 306 -17.04 2.85 27.87
CA PRO B 306 -16.80 3.77 26.76
C PRO B 306 -17.84 4.90 26.82
N VAL B 307 -17.47 6.12 26.39
CA VAL B 307 -18.41 7.25 26.15
C VAL B 307 -18.16 7.75 24.72
N ARG B 308 -19.13 7.53 23.82
CA ARG B 308 -19.11 8.07 22.43
C ARG B 308 -19.69 9.48 22.46
N PRO B 309 -19.42 10.34 21.45
CA PRO B 309 -19.91 11.71 21.48
C PRO B 309 -21.43 11.76 21.25
N ARG B 310 -22.10 12.77 21.81
CA ARG B 310 -23.56 12.98 21.67
C ARG B 310 -23.84 14.48 21.64
N ASP B 311 -23.67 15.17 22.78
CA ASP B 311 -24.06 16.60 22.95
C ASP B 311 -22.83 17.51 22.97
N GLY B 312 -21.65 17.01 23.34
CA GLY B 312 -20.41 17.80 23.46
C GLY B 312 -19.27 17.22 22.64
N VAL B 313 -18.06 17.29 23.18
CA VAL B 313 -16.81 16.81 22.51
C VAL B 313 -16.11 15.80 23.42
N VAL B 314 -15.87 14.58 22.91
CA VAL B 314 -15.01 13.56 23.55
C VAL B 314 -13.56 13.86 23.17
N VAL B 315 -12.68 13.93 24.17
CA VAL B 315 -11.25 14.27 23.98
C VAL B 315 -10.39 13.02 24.24
N SER B 316 -9.49 12.72 23.30
CA SER B 316 -8.46 11.67 23.41
C SER B 316 -7.08 12.32 23.44
N ASN B 317 -6.36 12.17 24.55
CA ASN B 317 -5.04 12.79 24.83
C ASN B 317 -4.04 11.69 25.14
N PRO B 318 -3.37 11.09 24.13
CA PRO B 318 -2.32 10.10 24.37
C PRO B 318 -0.93 10.75 24.30
N PHE B 319 -0.12 10.60 25.35
CA PHE B 319 1.25 11.17 25.42
C PHE B 319 2.17 10.38 24.46
N GLY B 320 1.97 9.07 24.37
CA GLY B 320 2.75 8.17 23.50
C GLY B 320 3.54 7.17 24.31
N MET B 321 3.31 5.88 24.11
CA MET B 321 3.90 4.80 24.95
C MET B 321 4.82 3.92 24.12
N ALA B 322 6.11 3.87 24.49
CA ALA B 322 7.18 3.08 23.84
C ALA B 322 6.81 1.61 23.74
N VAL B 323 6.01 1.09 24.67
CA VAL B 323 5.59 -0.34 24.72
C VAL B 323 4.78 -0.69 23.45
N LEU B 324 4.10 0.29 22.85
CA LEU B 324 3.31 0.09 21.59
C LEU B 324 4.28 -0.09 20.42
N ASP B 325 5.31 0.76 20.33
CA ASP B 325 6.42 0.65 19.34
C ASP B 325 7.09 -0.71 19.47
N VAL B 326 7.41 -1.13 20.70
CA VAL B 326 8.14 -2.40 20.97
C VAL B 326 7.23 -3.56 20.51
N GLY B 327 5.96 -3.49 20.89
CA GLY B 327 4.92 -4.47 20.49
C GLY B 327 4.82 -4.61 18.99
N LEU B 328 4.72 -3.50 18.27
CA LEU B 328 4.55 -3.51 16.78
C LEU B 328 5.83 -4.04 16.13
N LEU B 329 6.99 -3.58 16.58
CA LEU B 329 8.30 -3.96 15.99
C LEU B 329 8.46 -5.48 16.08
N ALA B 330 8.05 -6.10 17.19
CA ALA B 330 8.05 -7.57 17.36
C ALA B 330 7.14 -8.25 16.31
N GLU B 331 5.97 -7.68 16.05
CA GLU B 331 5.01 -8.22 15.04
C GLU B 331 5.60 -8.06 13.65
N VAL B 332 6.21 -6.90 13.37
CA VAL B 332 6.85 -6.56 12.05
C VAL B 332 8.07 -7.49 11.82
N ALA B 333 8.88 -7.72 12.86
CA ALA B 333 10.07 -8.60 12.79
C ALA B 333 9.64 -10.05 12.51
N ALA B 334 8.62 -10.57 13.21
CA ALA B 334 8.09 -11.95 13.00
C ALA B 334 7.65 -12.11 11.54
N HIS B 335 6.89 -11.14 11.02
CA HIS B 335 6.36 -11.16 9.63
C HIS B 335 7.52 -11.14 8.62
N ALA B 336 8.54 -10.29 8.82
CA ALA B 336 9.70 -10.14 7.92
C ALA B 336 10.46 -11.47 7.82
N ARG B 337 10.59 -12.21 8.93
CA ARG B 337 11.25 -13.55 8.94
C ARG B 337 10.48 -14.50 8.01
N SER B 338 9.18 -14.72 8.26
CA SER B 338 8.34 -15.67 7.47
C SER B 338 8.25 -15.22 6.01
N ALA B 339 8.26 -13.91 5.75
CA ALA B 339 8.23 -13.32 4.39
C ALA B 339 9.61 -13.39 3.72
N GLY B 340 10.68 -13.52 4.50
CA GLY B 340 12.08 -13.51 4.02
C GLY B 340 12.50 -12.12 3.59
N LEU B 341 12.08 -11.08 4.31
CA LEU B 341 12.48 -9.66 4.08
C LEU B 341 13.59 -9.27 5.08
N GLY B 342 14.19 -8.09 4.89
CA GLY B 342 15.27 -7.57 5.74
C GLY B 342 16.60 -8.26 5.47
N THR B 343 17.72 -7.62 5.84
CA THR B 343 19.09 -8.14 5.61
C THR B 343 19.73 -8.48 6.95
N THR B 344 20.57 -9.52 6.99
CA THR B 344 21.34 -9.96 8.18
C THR B 344 22.63 -9.12 8.27
N LEU B 345 22.89 -8.52 9.43
CA LEU B 345 24.17 -7.82 9.74
C LEU B 345 24.94 -8.64 10.78
N ASP B 346 26.28 -8.64 10.66
CA ASP B 346 27.22 -9.26 11.62
C ASP B 346 27.89 -8.13 12.41
N LEU B 347 27.79 -8.16 13.75
CA LEU B 347 28.28 -7.06 14.64
C LEU B 347 29.77 -7.24 14.99
N LEU B 348 30.33 -8.44 14.78
CA LEU B 348 31.73 -8.77 15.13
C LEU B 348 32.62 -8.56 13.90
N GLY B 349 32.34 -9.27 12.80
CA GLY B 349 32.98 -9.05 11.49
C GLY B 349 34.07 -10.07 11.18
N ALA B 350 34.70 -10.65 12.22
CA ALA B 350 35.85 -11.58 12.11
C ALA B 350 36.94 -10.96 11.23
PA NAD C . 6.00 17.18 10.78
O1A NAD C . 7.02 18.17 11.18
O2A NAD C . 6.29 16.18 9.74
O5B NAD C . 4.65 17.89 10.38
C5B NAD C . 4.09 18.90 11.20
C4B NAD C . 3.25 19.77 10.31
O4B NAD C . 2.50 20.71 11.11
C3B NAD C . 4.02 20.61 9.28
O3B NAD C . 3.48 20.32 8.00
C2B NAD C . 3.82 22.05 9.76
O2B NAD C . 3.75 23.01 8.73
C1B NAD C . 2.47 21.94 10.46
N9A NAD C . 2.20 22.93 11.49
C8A NAD C . 3.02 23.32 12.51
N7A NAD C . 2.48 24.18 13.32
C5A NAD C . 1.20 24.34 12.83
C6A NAD C . 0.11 25.12 13.27
N6A NAD C . 0.13 25.89 14.33
N1A NAD C . -1.04 25.03 12.56
C2A NAD C . -1.07 24.25 11.48
N3A NAD C . -0.12 23.48 10.98
C4A NAD C . 1.00 23.57 11.71
O3 NAD C . 5.59 16.41 12.06
PN NAD C . 4.85 15.04 12.21
O1N NAD C . 5.88 14.06 12.58
O2N NAD C . 3.94 14.83 11.07
O5D NAD C . 3.98 15.43 13.46
C5D NAD C . 4.68 15.33 14.68
C4D NAD C . 3.87 15.99 15.77
O4D NAD C . 3.06 14.99 16.40
C3D NAD C . 4.77 16.52 16.89
O3D NAD C . 3.99 17.35 17.73
C2D NAD C . 5.07 15.18 17.55
O2D NAD C . 5.74 15.23 18.79
C1D NAD C . 3.64 14.64 17.64
N1N NAD C . 3.62 13.17 17.79
C2N NAD C . 3.03 12.61 18.88
C3N NAD C . 3.26 11.29 19.16
C7N NAD C . 2.46 10.65 20.25
O7N NAD C . 2.80 9.55 20.66
N7N NAD C . 1.41 11.30 20.72
C4N NAD C . 4.20 10.60 18.41
C5N NAD C . 4.65 11.15 17.24
C6N NAD C . 4.21 12.39 16.89
#